data_3QP5
#
_entry.id   3QP5
#
_cell.length_a   169.318
_cell.length_b   169.318
_cell.length_c   99.844
_cell.angle_alpha   90.00
_cell.angle_beta   90.00
_cell.angle_gamma   120.00
#
_symmetry.space_group_name_H-M   'H 3'
#
loop_
_entity.id
_entity.type
_entity.pdbx_description
1 polymer 'CviR transcriptional regulator'
2 non-polymer 4-(4-chlorophenoxy)-N-[(3S)-2-oxotetrahydrofuran-3-yl]butanamide
#
_entity_poly.entity_id   1
_entity_poly.type   'polypeptide(L)'
_entity_poly.pdbx_seq_one_letter_code
;MVISKPINARPLPAGLTASQQWTLLEWIHMAGHIETENELKAFLDQVLSQAPSERLLLALGRLNNQNQIQRLERVLNVSY
PSDWLDQYMKENYAQHDPILRIHLGQGPVMWEERFNRAKGAEEKRFIAEATQNGMGSGITFSAASERNNIGSILSIAGRE
PGRNAALVAMLNCLTPHLHQAAIRVANLPPASPSNMPLSQREYDIFHWMSRGKTNWEIATILDISERTVKFHVANVIRKL
NANNRTHAIVLGMHLAMPPSTVANE
;
_entity_poly.pdbx_strand_id   A,B,C,D
#
# COMPACT_ATOMS: atom_id res chain seq x y z
N ALA A 9 -17.54 15.55 -13.56
CA ALA A 9 -17.01 16.72 -12.86
C ALA A 9 -18.12 17.45 -12.11
N ARG A 10 -17.78 18.60 -11.54
CA ARG A 10 -18.75 19.41 -10.79
C ARG A 10 -18.95 20.77 -11.44
N PRO A 11 -20.22 21.13 -11.64
CA PRO A 11 -20.56 22.42 -12.26
C PRO A 11 -20.52 23.56 -11.26
N LEU A 12 -19.86 24.66 -11.62
CA LEU A 12 -19.75 25.80 -10.76
C LEU A 12 -21.15 26.26 -10.31
N PRO A 13 -21.21 26.87 -9.14
CA PRO A 13 -22.41 27.51 -8.63
C PRO A 13 -22.52 28.90 -9.24
N ALA A 14 -23.63 29.57 -9.00
CA ALA A 14 -23.82 30.91 -9.51
C ALA A 14 -24.49 31.70 -8.41
N GLY A 15 -24.99 32.88 -8.71
CA GLY A 15 -25.66 33.57 -7.65
C GLY A 15 -24.64 33.69 -6.56
N LEU A 16 -23.42 33.96 -7.01
CA LEU A 16 -22.34 34.23 -6.10
C LEU A 16 -21.79 35.60 -6.46
N THR A 17 -21.59 36.45 -5.49
CA THR A 17 -21.10 37.76 -5.81
C THR A 17 -19.74 37.48 -6.31
N ALA A 18 -19.10 38.46 -6.91
CA ALA A 18 -17.76 38.20 -7.40
C ALA A 18 -16.93 37.97 -6.16
N SER A 19 -17.21 38.71 -5.10
CA SER A 19 -16.34 38.53 -3.99
C SER A 19 -16.50 37.09 -3.70
N GLN A 20 -17.73 36.63 -3.65
CA GLN A 20 -17.91 35.26 -3.34
C GLN A 20 -17.28 34.49 -4.44
N GLN A 21 -17.48 34.93 -5.65
CA GLN A 21 -16.85 34.23 -6.74
C GLN A 21 -15.37 34.43 -6.78
N TRP A 22 -14.91 35.63 -6.58
CA TRP A 22 -13.49 35.81 -6.64
C TRP A 22 -12.86 35.02 -5.57
N THR A 23 -13.49 35.00 -4.42
CA THR A 23 -12.89 34.27 -3.34
C THR A 23 -12.68 32.83 -3.64
N LEU A 24 -13.71 32.21 -4.13
CA LEU A 24 -13.64 30.83 -4.45
C LEU A 24 -12.59 30.66 -5.45
N LEU A 25 -12.49 31.55 -6.37
CA LEU A 25 -11.46 31.37 -7.32
C LEU A 25 -10.19 31.38 -6.57
N GLU A 26 -10.09 32.22 -5.57
CA GLU A 26 -8.86 32.25 -4.84
C GLU A 26 -8.53 30.90 -4.25
N TRP A 27 -9.48 30.29 -3.56
CA TRP A 27 -9.25 29.01 -2.94
C TRP A 27 -8.85 27.93 -3.88
N ILE A 28 -9.52 27.80 -4.99
CA ILE A 28 -9.16 26.76 -5.90
C ILE A 28 -7.80 27.00 -6.44
N HIS A 29 -7.48 28.24 -6.71
CA HIS A 29 -6.20 28.50 -7.27
C HIS A 29 -5.11 28.10 -6.34
N MET A 30 -5.18 28.51 -5.09
CA MET A 30 -4.14 28.16 -4.15
C MET A 30 -4.08 26.68 -3.94
N ALA A 31 -5.22 26.05 -3.91
CA ALA A 31 -5.22 24.65 -3.70
C ALA A 31 -4.44 23.96 -4.78
N GLY A 32 -4.39 24.52 -5.94
CA GLY A 32 -3.64 23.86 -6.98
C GLY A 32 -2.16 23.96 -6.73
N HIS A 33 -1.84 24.77 -5.75
CA HIS A 33 -0.47 24.97 -5.41
C HIS A 33 0.00 24.38 -4.13
N ILE A 34 -0.81 23.54 -3.50
CA ILE A 34 -0.40 22.94 -2.25
C ILE A 34 0.35 21.65 -2.37
N GLU A 35 1.48 21.55 -1.69
CA GLU A 35 2.32 20.35 -1.65
C GLU A 35 2.61 19.90 -0.21
N THR A 36 3.49 20.61 0.45
CA THR A 36 3.85 20.28 1.80
C THR A 36 2.68 20.42 2.69
N GLU A 37 2.70 19.64 3.74
CA GLU A 37 1.64 19.62 4.74
C GLU A 37 1.40 20.93 5.41
N ASN A 38 2.43 21.72 5.59
CA ASN A 38 2.22 22.98 6.24
C ASN A 38 1.30 23.80 5.43
N GLU A 39 1.45 23.70 4.12
CA GLU A 39 0.63 24.47 3.24
C GLU A 39 -0.80 24.08 3.43
N LEU A 40 -1.06 22.80 3.43
CA LEU A 40 -2.38 22.38 3.54
C LEU A 40 -2.94 22.81 4.82
N LYS A 41 -2.18 22.72 5.88
CA LYS A 41 -2.76 23.13 7.12
C LYS A 41 -3.19 24.57 7.21
N ALA A 42 -2.36 25.47 6.80
CA ALA A 42 -2.71 26.87 6.87
C ALA A 42 -3.86 27.23 5.99
N PHE A 43 -3.84 26.66 4.80
CA PHE A 43 -4.85 26.96 3.82
C PHE A 43 -6.19 26.73 4.39
N LEU A 44 -6.38 25.62 5.08
CA LEU A 44 -7.67 25.30 5.69
C LEU A 44 -8.00 26.30 6.78
N ASP A 45 -6.97 26.76 7.50
CA ASP A 45 -7.15 27.73 8.57
C ASP A 45 -7.87 28.97 8.06
N GLN A 46 -7.44 29.48 6.90
CA GLN A 46 -8.05 30.64 6.29
C GLN A 46 -9.45 30.33 5.80
N VAL A 47 -9.67 29.08 5.41
CA VAL A 47 -10.96 28.64 4.93
C VAL A 47 -11.95 28.60 6.10
N LEU A 48 -11.54 27.99 7.22
CA LEU A 48 -12.43 27.78 8.37
C LEU A 48 -12.60 29.01 9.29
N SER A 49 -12.16 30.18 8.79
CA SER A 49 -12.35 31.46 9.46
C SER A 49 -13.28 32.43 8.68
N GLN A 50 -13.64 32.07 7.43
CA GLN A 50 -14.86 32.55 6.74
C GLN A 50 -15.95 31.48 6.87
N ALA A 51 -15.98 30.81 8.02
CA ALA A 51 -16.81 29.63 8.26
C ALA A 51 -17.40 29.61 9.67
N PRO A 52 -18.76 29.55 9.75
CA PRO A 52 -19.58 29.48 10.97
C PRO A 52 -19.34 28.21 11.79
N SER A 53 -18.09 28.01 12.16
CA SER A 53 -17.70 26.81 12.89
C SER A 53 -16.19 26.85 13.16
N GLU A 54 -15.75 26.01 14.10
CA GLU A 54 -14.33 25.91 14.40
C GLU A 54 -13.90 24.44 14.47
N ARG A 55 -14.80 23.57 14.03
CA ARG A 55 -14.57 22.14 14.04
C ARG A 55 -14.58 21.60 12.61
N LEU A 56 -13.41 21.25 12.10
CA LEU A 56 -13.31 20.67 10.76
C LEU A 56 -12.57 19.34 10.71
N LEU A 57 -12.62 18.67 9.57
CA LEU A 57 -11.89 17.43 9.40
C LEU A 57 -11.61 17.12 7.94
N LEU A 58 -10.37 16.78 7.64
CA LEU A 58 -10.00 16.36 6.30
C LEU A 58 -9.39 14.95 6.31
N ALA A 59 -10.00 14.03 5.58
CA ALA A 59 -9.51 12.66 5.51
C ALA A 59 -9.49 12.00 4.13
N LEU A 60 -8.42 11.27 3.84
CA LEU A 60 -8.35 10.34 2.72
C LEU A 60 -8.88 8.98 3.16
N GLY A 61 -9.32 8.17 2.20
CA GLY A 61 -9.86 6.84 2.49
C GLY A 61 -9.96 5.97 1.24
N ARG A 62 -9.67 4.69 1.38
CA ARG A 62 -9.75 3.81 0.24
C ARG A 62 -11.20 3.60 -0.06
N LEU A 63 -11.53 3.42 -1.33
CA LEU A 63 -12.91 3.25 -1.70
C LEU A 63 -13.21 1.96 -2.44
N ASN A 64 -14.48 1.64 -2.40
CA ASN A 64 -15.03 0.47 -3.00
C ASN A 64 -15.63 1.04 -4.24
N ASN A 65 -16.27 0.17 -4.97
CA ASN A 65 -16.96 0.51 -6.18
C ASN A 65 -18.14 1.47 -6.06
N GLN A 66 -18.94 1.40 -5.01
CA GLN A 66 -20.07 2.32 -4.96
C GLN A 66 -19.58 3.62 -4.34
N ASN A 67 -18.29 3.65 -4.07
CA ASN A 67 -17.63 4.83 -3.58
C ASN A 67 -18.02 4.96 -2.12
N GLN A 68 -18.10 3.84 -1.39
CA GLN A 68 -18.11 3.92 0.06
C GLN A 68 -16.68 3.87 0.59
N ILE A 69 -16.48 4.33 1.82
CA ILE A 69 -15.15 4.30 2.41
C ILE A 69 -15.18 2.94 3.13
N GLN A 70 -14.03 2.25 3.17
CA GLN A 70 -13.92 1.05 3.96
C GLN A 70 -12.92 1.26 5.08
N ARG A 71 -11.68 1.53 4.71
CA ARG A 71 -10.67 1.88 5.72
C ARG A 71 -10.26 3.29 5.46
N LEU A 72 -9.81 3.96 6.51
CA LEU A 72 -9.24 5.29 6.36
C LEU A 72 -7.75 5.22 6.08
N GLU A 73 -7.25 6.11 5.24
CA GLU A 73 -5.85 6.14 4.89
C GLU A 73 -5.10 7.06 5.84
N ARG A 74 -5.35 8.35 5.69
CA ARG A 74 -4.70 9.38 6.49
C ARG A 74 -5.73 10.38 6.94
N VAL A 75 -5.45 11.04 8.05
CA VAL A 75 -6.28 12.14 8.44
C VAL A 75 -5.39 13.35 8.55
N LEU A 76 -5.87 14.45 7.98
CA LEU A 76 -5.25 15.75 8.17
C LEU A 76 -6.43 16.48 8.79
N ASN A 77 -6.64 16.27 10.08
CA ASN A 77 -7.73 16.86 10.83
C ASN A 77 -7.47 18.31 11.12
N VAL A 78 -8.50 18.99 11.62
CA VAL A 78 -8.36 20.41 11.93
C VAL A 78 -8.74 20.77 13.36
N SER A 79 -10.01 20.69 13.71
CA SER A 79 -10.43 21.21 15.00
C SER A 79 -11.21 20.34 15.97
N TYR A 80 -11.71 19.21 15.51
CA TYR A 80 -12.61 18.39 16.32
C TYR A 80 -12.20 18.32 17.80
N PRO A 81 -13.18 18.36 18.71
CA PRO A 81 -12.90 18.30 20.14
C PRO A 81 -12.17 17.01 20.50
N SER A 82 -11.05 17.11 21.20
CA SER A 82 -10.21 15.95 21.46
C SER A 82 -10.82 15.00 22.49
N ASP A 83 -12.04 15.27 22.92
CA ASP A 83 -12.75 14.37 23.82
C ASP A 83 -13.64 13.45 23.01
N TRP A 84 -14.27 14.04 22.01
CA TRP A 84 -15.05 13.30 21.04
C TRP A 84 -14.15 12.39 20.20
N LEU A 85 -12.89 12.78 20.06
CA LEU A 85 -11.92 11.92 19.40
C LEU A 85 -11.64 10.69 20.25
N ASP A 86 -11.16 10.93 21.47
CA ASP A 86 -10.87 9.87 22.43
C ASP A 86 -11.99 8.85 22.42
N GLN A 87 -13.21 9.34 22.64
CA GLN A 87 -14.40 8.51 22.66
C GLN A 87 -14.76 7.82 21.32
N TYR A 88 -14.53 8.52 20.21
CA TYR A 88 -14.83 7.97 18.88
C TYR A 88 -13.99 6.72 18.63
N MET A 89 -12.72 6.81 19.02
CA MET A 89 -11.81 5.68 18.96
C MET A 89 -12.21 4.57 19.92
N LYS A 90 -12.21 4.87 21.22
CA LYS A 90 -12.58 3.89 22.26
C LYS A 90 -13.81 3.01 21.94
N GLU A 91 -14.94 3.66 21.69
CA GLU A 91 -16.20 2.96 21.41
C GLU A 91 -16.23 2.36 20.02
N ASN A 92 -15.23 2.70 19.22
CA ASN A 92 -15.17 2.29 17.82
C ASN A 92 -16.48 2.64 17.10
N TYR A 93 -16.84 3.92 17.16
CA TYR A 93 -18.04 4.42 16.50
C TYR A 93 -17.84 4.40 15.00
N ALA A 94 -16.58 4.25 14.59
CA ALA A 94 -16.21 4.24 13.18
C ALA A 94 -17.16 3.40 12.34
N GLN A 95 -17.63 2.30 12.92
CA GLN A 95 -18.48 1.34 12.22
C GLN A 95 -19.92 1.85 12.23
N HIS A 96 -20.34 2.41 13.37
CA HIS A 96 -21.71 2.89 13.59
C HIS A 96 -21.96 4.36 13.18
N ASP A 97 -20.94 5.01 12.64
CA ASP A 97 -21.12 6.34 12.09
C ASP A 97 -21.76 6.28 10.71
N PRO A 98 -22.98 6.81 10.59
CA PRO A 98 -23.77 6.75 9.36
C PRO A 98 -23.20 7.66 8.28
N ILE A 99 -22.18 8.44 8.62
CA ILE A 99 -21.58 9.37 7.68
C ILE A 99 -20.53 8.69 6.84
N LEU A 100 -19.81 7.73 7.39
CA LEU A 100 -18.74 7.07 6.64
C LEU A 100 -19.38 6.19 5.59
N ARG A 101 -20.71 6.18 5.60
CA ARG A 101 -21.47 5.34 4.70
C ARG A 101 -21.96 6.07 3.45
N ILE A 102 -21.68 7.38 3.36
CA ILE A 102 -22.03 8.13 2.16
C ILE A 102 -21.36 7.44 1.01
N HIS A 103 -21.87 7.73 -0.19
CA HIS A 103 -21.15 7.38 -1.39
C HIS A 103 -20.49 8.67 -1.80
N LEU A 104 -19.18 8.62 -1.97
CA LEU A 104 -18.42 9.80 -2.29
C LEU A 104 -18.64 10.41 -3.63
N GLY A 105 -18.41 11.71 -3.70
CA GLY A 105 -18.57 12.46 -4.91
C GLY A 105 -19.97 13.02 -5.03
N GLN A 106 -20.83 12.65 -4.09
CA GLN A 106 -22.17 13.15 -4.11
C GLN A 106 -22.13 14.21 -3.06
N GLY A 107 -22.07 15.46 -3.45
CA GLY A 107 -21.95 16.50 -2.47
C GLY A 107 -23.25 17.24 -2.43
N PRO A 108 -23.72 17.59 -1.23
CA PRO A 108 -23.02 17.36 0.01
C PRO A 108 -24.06 16.91 1.00
N VAL A 109 -23.66 16.35 2.12
CA VAL A 109 -24.64 15.77 3.04
C VAL A 109 -24.82 16.47 4.37
N MET A 110 -26.08 16.66 4.74
CA MET A 110 -26.46 17.29 5.99
C MET A 110 -26.53 16.26 7.11
N TRP A 111 -25.89 16.57 8.25
CA TRP A 111 -25.90 15.60 9.35
C TRP A 111 -27.32 15.42 9.85
N GLU A 112 -27.98 16.52 10.21
CA GLU A 112 -29.36 16.44 10.64
C GLU A 112 -30.20 15.48 9.74
N GLU A 113 -30.32 15.82 8.46
CA GLU A 113 -31.14 15.05 7.49
C GLU A 113 -30.79 13.57 7.42
N ARG A 114 -29.53 13.24 7.65
CA ARG A 114 -29.05 11.86 7.55
C ARG A 114 -29.09 11.15 8.92
N PHE A 115 -29.55 11.87 9.94
CA PHE A 115 -29.63 11.33 11.30
C PHE A 115 -31.07 10.96 11.67
N ASN A 116 -32.04 11.60 11.03
CA ASN A 116 -33.45 11.30 11.25
C ASN A 116 -33.91 10.11 10.45
N ARG A 117 -33.03 9.59 9.59
CA ARG A 117 -33.39 8.52 8.67
C ARG A 117 -32.55 7.26 8.87
N ALA A 118 -31.61 7.33 9.81
CA ALA A 118 -30.88 6.14 10.27
C ALA A 118 -31.75 5.45 11.30
N LYS A 119 -32.04 4.17 11.09
CA LYS A 119 -33.02 3.49 11.93
C LYS A 119 -32.50 2.24 12.67
N GLY A 120 -31.18 2.05 12.68
CA GLY A 120 -30.57 1.01 13.48
C GLY A 120 -30.41 1.47 14.93
N ALA A 121 -30.17 0.53 15.83
CA ALA A 121 -30.04 0.84 17.27
C ALA A 121 -28.63 1.27 17.66
N GLU A 122 -27.64 0.65 17.04
CA GLU A 122 -26.25 1.07 17.21
C GLU A 122 -26.05 2.47 16.64
N GLU A 123 -26.78 2.75 15.58
CA GLU A 123 -26.77 4.04 14.91
C GLU A 123 -27.46 5.10 15.77
N LYS A 124 -28.74 4.87 16.10
CA LYS A 124 -29.50 5.82 16.89
C LYS A 124 -28.82 6.13 18.22
N ARG A 125 -27.97 5.20 18.63
CA ARG A 125 -27.22 5.30 19.89
C ARG A 125 -26.01 6.21 19.73
N PHE A 126 -25.27 6.02 18.63
CA PHE A 126 -24.15 6.90 18.26
C PHE A 126 -24.64 8.32 18.03
N ILE A 127 -25.65 8.44 17.18
CA ILE A 127 -26.32 9.71 16.87
C ILE A 127 -26.61 10.57 18.12
N ALA A 128 -27.15 9.91 19.14
CA ALA A 128 -27.48 10.56 20.43
C ALA A 128 -26.21 11.01 21.20
N GLU A 129 -25.21 10.14 21.23
CA GLU A 129 -23.95 10.43 21.88
C GLU A 129 -23.23 11.60 21.18
N ALA A 130 -23.40 11.68 19.88
CA ALA A 130 -22.82 12.76 19.11
C ALA A 130 -23.51 14.07 19.50
N THR A 131 -24.82 14.00 19.73
CA THR A 131 -25.62 15.19 19.99
C THR A 131 -25.32 15.88 21.32
N GLN A 132 -24.55 15.20 22.18
CA GLN A 132 -24.09 15.78 23.42
C GLN A 132 -22.82 16.63 23.21
N ASN A 133 -21.91 16.12 22.40
CA ASN A 133 -20.63 16.77 22.20
C ASN A 133 -20.64 17.72 20.99
N GLY A 134 -21.84 18.07 20.55
CA GLY A 134 -22.02 19.10 19.53
C GLY A 134 -22.15 18.58 18.12
N MET A 135 -21.93 17.28 17.95
CA MET A 135 -21.93 16.67 16.63
C MET A 135 -23.30 16.18 16.27
N GLY A 136 -24.27 16.91 16.74
CA GLY A 136 -25.62 16.58 16.39
C GLY A 136 -25.99 16.70 14.89
N SER A 137 -25.55 17.79 14.28
CA SER A 137 -25.78 18.11 12.90
C SER A 137 -24.53 18.77 12.35
N GLY A 138 -24.27 18.53 11.07
CA GLY A 138 -23.12 19.09 10.40
C GLY A 138 -23.25 18.72 8.96
N ILE A 139 -22.35 19.20 8.12
CA ILE A 139 -22.41 18.87 6.71
C ILE A 139 -21.07 18.36 6.24
N THR A 140 -21.09 17.43 5.29
CA THR A 140 -19.85 16.90 4.78
C THR A 140 -19.91 16.81 3.25
N PHE A 141 -18.79 17.16 2.64
CA PHE A 141 -18.63 17.17 1.19
C PHE A 141 -17.67 16.07 0.84
N SER A 142 -17.74 15.59 -0.39
CA SER A 142 -16.95 14.46 -0.74
C SER A 142 -16.40 14.58 -2.15
N ALA A 143 -15.23 14.00 -2.38
CA ALA A 143 -14.67 13.89 -3.71
C ALA A 143 -14.09 12.49 -3.90
N ALA A 144 -14.27 11.92 -5.09
CA ALA A 144 -13.75 10.59 -5.35
C ALA A 144 -12.93 10.55 -6.64
N SER A 145 -12.04 9.57 -6.72
CA SER A 145 -11.05 9.49 -7.80
C SER A 145 -11.08 8.06 -8.33
N GLU A 146 -12.11 7.74 -9.11
CA GLU A 146 -12.37 6.35 -9.51
C GLU A 146 -11.26 5.71 -10.34
N ARG A 147 -10.33 6.50 -10.85
CA ARG A 147 -9.25 5.88 -11.58
C ARG A 147 -8.59 4.94 -10.59
N ASN A 148 -8.46 5.39 -9.33
CA ASN A 148 -7.85 4.58 -8.29
C ASN A 148 -8.66 4.19 -7.03
N ASN A 149 -10.00 4.32 -7.02
CA ASN A 149 -10.66 4.05 -5.76
C ASN A 149 -9.94 4.61 -4.53
N ILE A 150 -9.71 5.92 -4.55
CA ILE A 150 -9.34 6.71 -3.37
C ILE A 150 -10.27 7.93 -3.32
N GLY A 151 -10.60 8.41 -2.11
CA GLY A 151 -11.57 9.48 -1.95
C GLY A 151 -11.30 10.46 -0.82
N SER A 152 -11.95 11.63 -0.86
CA SER A 152 -11.84 12.62 0.22
C SER A 152 -13.19 12.90 0.87
N ILE A 153 -13.15 13.10 2.18
CA ILE A 153 -14.28 13.66 2.89
C ILE A 153 -13.80 14.93 3.55
N LEU A 154 -14.71 15.88 3.69
CA LEU A 154 -14.43 17.12 4.38
C LEU A 154 -15.64 17.49 5.20
N SER A 155 -15.49 17.48 6.51
CA SER A 155 -16.60 17.76 7.39
C SER A 155 -16.43 19.06 8.14
N ILE A 156 -17.56 19.73 8.37
CA ILE A 156 -17.64 20.80 9.37
C ILE A 156 -18.88 20.55 10.22
N ALA A 157 -18.71 20.58 11.54
CA ALA A 157 -19.81 20.32 12.45
C ALA A 157 -20.49 21.63 12.82
N GLY A 158 -21.81 21.55 13.03
CA GLY A 158 -22.58 22.72 13.39
C GLY A 158 -23.86 22.91 12.57
N ARG A 159 -24.84 23.56 13.18
CA ARG A 159 -26.07 23.91 12.49
C ARG A 159 -25.89 25.13 11.59
N GLU A 160 -24.87 25.94 11.89
CA GLU A 160 -24.69 27.20 11.21
C GLU A 160 -24.04 27.13 9.81
N PRO A 161 -23.04 26.25 9.64
CA PRO A 161 -22.51 26.03 8.28
C PRO A 161 -23.56 25.78 7.20
N GLY A 162 -24.56 24.95 7.49
CA GLY A 162 -25.57 24.56 6.51
C GLY A 162 -26.67 25.57 6.22
N ARG A 163 -26.81 26.57 7.10
CA ARG A 163 -27.76 27.66 6.91
C ARG A 163 -27.14 28.74 6.03
N ASN A 164 -25.91 28.53 5.57
CA ASN A 164 -25.25 29.47 4.67
C ASN A 164 -25.13 28.90 3.26
N ALA A 165 -26.21 28.98 2.48
CA ALA A 165 -26.33 28.28 1.20
C ALA A 165 -25.23 28.68 0.22
N ALA A 166 -24.85 29.94 0.26
CA ALA A 166 -23.79 30.44 -0.61
C ALA A 166 -22.50 29.73 -0.33
N LEU A 167 -22.09 29.77 0.95
CA LEU A 167 -20.85 29.12 1.42
C LEU A 167 -20.84 27.59 1.30
N VAL A 168 -22.01 26.95 1.45
CA VAL A 168 -22.07 25.54 1.18
C VAL A 168 -21.69 25.19 -0.26
N ALA A 169 -22.14 25.99 -1.22
CA ALA A 169 -21.84 25.72 -2.62
C ALA A 169 -20.40 25.99 -2.96
N MET A 170 -19.83 26.99 -2.32
CA MET A 170 -18.41 27.26 -2.47
C MET A 170 -17.49 26.13 -1.95
N LEU A 171 -17.68 25.73 -0.69
CA LEU A 171 -16.94 24.60 -0.11
C LEU A 171 -17.12 23.33 -0.92
N ASN A 172 -18.30 23.15 -1.46
CA ASN A 172 -18.56 21.96 -2.23
C ASN A 172 -17.76 21.88 -3.55
N CYS A 173 -17.43 23.02 -4.15
CA CYS A 173 -16.68 23.00 -5.41
C CYS A 173 -15.21 23.09 -5.11
N LEU A 174 -14.91 23.43 -3.86
CA LEU A 174 -13.53 23.45 -3.46
C LEU A 174 -13.07 22.03 -3.15
N THR A 175 -13.98 21.22 -2.59
CA THR A 175 -13.64 19.90 -2.10
C THR A 175 -12.72 19.14 -3.04
N PRO A 176 -13.14 18.90 -4.29
CA PRO A 176 -12.39 18.11 -5.28
C PRO A 176 -10.99 18.62 -5.59
N HIS A 177 -10.63 19.74 -5.01
CA HIS A 177 -9.33 20.35 -5.27
C HIS A 177 -8.53 20.19 -4.03
N LEU A 178 -9.26 20.09 -2.90
CA LEU A 178 -8.68 19.69 -1.64
C LEU A 178 -8.29 18.22 -1.72
N HIS A 179 -9.14 17.42 -2.35
CA HIS A 179 -8.86 16.00 -2.58
C HIS A 179 -7.52 15.83 -3.29
N GLN A 180 -7.36 16.54 -4.41
CA GLN A 180 -6.11 16.52 -5.17
C GLN A 180 -4.91 16.93 -4.35
N ALA A 181 -5.09 18.00 -3.57
CA ALA A 181 -4.08 18.54 -2.66
C ALA A 181 -3.70 17.52 -1.57
N ALA A 182 -4.70 16.80 -1.08
CA ALA A 182 -4.53 15.76 -0.06
C ALA A 182 -3.65 14.60 -0.56
N ILE A 183 -4.08 13.97 -1.65
CA ILE A 183 -3.28 12.96 -2.34
C ILE A 183 -1.80 13.37 -2.55
N ARG A 184 -1.56 14.67 -2.67
CA ARG A 184 -0.26 15.18 -2.98
C ARG A 184 0.65 15.26 -1.78
N VAL A 185 0.10 15.71 -0.67
CA VAL A 185 0.90 15.77 0.51
C VAL A 185 1.21 14.37 1.01
N ALA A 186 0.20 13.51 1.02
CA ALA A 186 0.41 12.16 1.46
C ALA A 186 0.91 11.57 0.20
N ASN A 187 2.19 11.33 0.12
CA ASN A 187 2.71 10.82 -1.12
C ASN A 187 2.48 9.37 -1.36
N LEU A 188 1.22 8.97 -1.47
CA LEU A 188 0.88 7.57 -1.69
C LEU A 188 1.51 6.99 -2.94
N PRO A 189 2.04 5.78 -2.81
CA PRO A 189 2.69 5.06 -3.90
C PRO A 189 1.64 4.51 -4.85
N PRO A 190 2.03 4.33 -6.10
CA PRO A 190 1.11 3.81 -7.12
C PRO A 190 0.70 2.38 -6.78
N ALA A 191 -0.55 2.03 -7.07
CA ALA A 191 -1.48 2.97 -7.69
C ALA A 191 -1.19 3.03 -9.18
N SER A 192 -0.22 2.24 -9.58
CA SER A 192 0.24 2.25 -10.96
C SER A 192 -0.70 1.78 -12.02
N PRO A 193 -0.53 2.36 -13.20
CA PRO A 193 -1.31 1.96 -14.35
C PRO A 193 -0.95 0.48 -14.47
N SER A 194 0.31 0.16 -14.18
CA SER A 194 1.32 1.16 -13.85
C SER A 194 1.78 2.04 -15.02
N ASN A 195 1.96 1.42 -16.18
CA ASN A 195 2.44 2.13 -17.36
C ASN A 195 1.81 1.53 -18.63
N MET A 196 1.56 2.39 -19.61
CA MET A 196 0.96 2.03 -20.90
C MET A 196 1.97 1.24 -21.76
N PRO A 197 1.58 0.03 -22.15
CA PRO A 197 2.44 -0.81 -22.98
C PRO A 197 3.18 -0.01 -24.04
N LEU A 198 4.22 -0.60 -24.62
CA LEU A 198 5.01 0.07 -25.66
C LEU A 198 4.14 0.48 -26.83
N SER A 199 3.29 -0.43 -27.29
CA SER A 199 3.22 -1.77 -26.70
C SER A 199 4.18 -2.73 -27.39
N GLN A 200 4.36 -3.90 -26.80
CA GLN A 200 5.25 -4.92 -27.35
C GLN A 200 5.29 -4.84 -28.87
N ARG A 201 4.22 -5.30 -29.52
CA ARG A 201 4.13 -5.29 -30.96
C ARG A 201 4.41 -3.90 -31.52
N GLU A 202 3.93 -2.88 -30.82
CA GLU A 202 4.13 -1.49 -31.23
C GLU A 202 5.58 -1.01 -31.16
N TYR A 203 6.30 -1.44 -30.11
CA TYR A 203 7.68 -1.02 -29.92
C TYR A 203 8.55 -1.46 -31.08
N ASP A 204 8.35 -2.68 -31.59
CA ASP A 204 9.19 -3.08 -32.70
C ASP A 204 8.84 -2.13 -33.84
N ILE A 205 7.54 -1.95 -34.08
CA ILE A 205 7.07 -1.04 -35.12
C ILE A 205 7.34 0.39 -34.67
N PHE A 206 7.07 0.80 -33.44
CA PHE A 206 7.41 2.22 -33.16
C PHE A 206 8.85 2.53 -32.85
N HIS A 207 9.50 1.45 -32.47
CA HIS A 207 10.86 1.37 -32.09
C HIS A 207 11.71 2.02 -33.13
N TRP A 208 11.27 1.80 -34.33
CA TRP A 208 11.90 2.25 -35.58
C TRP A 208 11.08 3.26 -36.37
N MET A 209 9.80 3.41 -36.03
CA MET A 209 8.92 4.33 -36.73
C MET A 209 9.49 5.74 -36.70
N SER A 210 10.05 6.12 -35.55
CA SER A 210 10.56 7.48 -35.35
C SER A 210 11.74 7.96 -36.22
N ARG A 211 12.75 7.12 -36.44
CA ARG A 211 13.90 7.58 -37.21
C ARG A 211 14.40 6.76 -38.40
N GLY A 212 14.59 7.45 -39.52
CA GLY A 212 15.17 6.91 -40.74
C GLY A 212 14.60 5.66 -41.40
N LYS A 213 13.28 5.51 -41.43
CA LYS A 213 12.70 4.34 -42.07
C LYS A 213 11.32 4.60 -42.68
N THR A 214 10.97 3.82 -43.70
CA THR A 214 9.64 3.91 -44.29
C THR A 214 8.81 2.67 -43.97
N ASN A 215 7.51 2.74 -44.27
CA ASN A 215 6.60 1.61 -44.07
C ASN A 215 7.22 0.30 -44.56
N TRP A 216 8.21 0.43 -45.44
CA TRP A 216 8.80 -0.73 -46.10
C TRP A 216 10.08 -1.29 -45.48
N GLU A 217 10.96 -0.42 -44.98
CA GLU A 217 12.17 -0.87 -44.28
C GLU A 217 11.77 -1.45 -42.93
N ILE A 218 10.49 -1.35 -42.61
CA ILE A 218 9.97 -1.83 -41.34
C ILE A 218 9.21 -3.13 -41.50
N ALA A 219 8.36 -3.18 -42.53
CA ALA A 219 7.60 -4.39 -42.74
C ALA A 219 8.60 -5.49 -43.04
N THR A 220 9.57 -5.18 -43.89
CA THR A 220 10.60 -6.16 -44.26
C THR A 220 11.42 -6.57 -43.04
N ILE A 221 11.72 -5.59 -42.19
CA ILE A 221 12.50 -5.83 -40.99
C ILE A 221 11.78 -6.76 -40.01
N LEU A 222 10.47 -6.60 -39.88
CA LEU A 222 9.68 -7.42 -38.98
C LEU A 222 9.10 -8.63 -39.70
N ASP A 223 9.46 -8.78 -40.98
CA ASP A 223 8.97 -9.90 -41.78
C ASP A 223 7.46 -9.81 -41.99
N ILE A 224 6.91 -8.62 -41.78
CA ILE A 224 5.47 -8.40 -41.94
C ILE A 224 5.17 -7.64 -43.22
N SER A 225 6.21 -7.11 -43.84
CA SER A 225 6.06 -6.35 -45.09
C SER A 225 5.48 -4.97 -44.82
N GLU A 226 5.68 -4.06 -45.76
CA GLU A 226 5.18 -2.70 -45.63
C GLU A 226 3.74 -2.69 -45.15
N ARG A 227 2.94 -3.61 -45.68
CA ARG A 227 1.54 -3.72 -45.31
C ARG A 227 1.24 -3.90 -43.83
N THR A 228 1.85 -4.90 -43.20
CA THR A 228 1.59 -5.09 -41.78
C THR A 228 2.07 -3.85 -41.04
N VAL A 229 3.21 -3.32 -41.47
CA VAL A 229 3.75 -2.12 -40.82
C VAL A 229 2.67 -1.03 -40.83
N LYS A 230 2.00 -0.84 -41.97
CA LYS A 230 0.96 0.18 -42.12
C LYS A 230 -0.30 0.03 -41.27
N PHE A 231 -0.79 -1.20 -41.14
CA PHE A 231 -2.00 -1.50 -40.37
C PHE A 231 -1.85 -1.23 -38.87
N HIS A 232 -0.65 -1.60 -38.42
CA HIS A 232 -0.14 -1.56 -37.06
C HIS A 232 0.33 -0.16 -36.61
N VAL A 233 0.97 0.60 -37.51
CA VAL A 233 1.47 1.94 -37.14
C VAL A 233 0.41 2.99 -36.73
N ALA A 234 -0.70 3.05 -37.45
CA ALA A 234 -1.81 3.96 -37.20
C ALA A 234 -2.67 3.60 -35.97
N ASN A 235 -2.61 2.34 -35.55
CA ASN A 235 -3.11 1.95 -34.23
C ASN A 235 -2.29 2.72 -33.19
N VAL A 236 -1.01 2.92 -33.53
CA VAL A 236 -0.07 3.62 -32.65
C VAL A 236 -0.40 5.10 -32.59
N ILE A 237 -0.43 5.71 -33.77
CA ILE A 237 -0.69 7.14 -33.92
C ILE A 237 -2.04 7.62 -33.36
N ARG A 238 -3.02 6.73 -33.33
CA ARG A 238 -4.33 7.00 -32.69
C ARG A 238 -4.29 6.59 -31.22
N LYS A 239 -3.41 5.64 -30.90
CA LYS A 239 -3.18 5.28 -29.52
C LYS A 239 -2.50 6.45 -28.83
N LEU A 240 -1.43 6.94 -29.44
CA LEU A 240 -0.68 8.07 -28.90
C LEU A 240 -1.39 9.43 -29.06
N ASN A 241 -2.68 9.38 -29.38
CA ASN A 241 -3.46 10.60 -29.53
C ASN A 241 -2.84 11.58 -30.52
N ALA A 242 -2.29 11.07 -31.63
CA ALA A 242 -1.66 11.95 -32.60
C ALA A 242 -2.27 11.87 -34.00
N ASN A 243 -2.62 13.03 -34.54
CA ASN A 243 -3.18 13.14 -35.88
C ASN A 243 -2.18 12.70 -36.94
N ASN A 244 -0.92 13.09 -36.73
CA ASN A 244 0.17 12.78 -37.66
C ASN A 244 1.17 11.81 -37.06
N ARG A 245 1.64 10.86 -37.86
CA ARG A 245 2.60 9.86 -37.40
C ARG A 245 3.91 10.49 -36.95
N THR A 246 4.40 11.48 -37.69
CA THR A 246 5.64 12.14 -37.31
C THR A 246 5.31 13.09 -36.18
N HIS A 247 4.01 13.17 -35.87
CA HIS A 247 3.50 13.82 -34.69
C HIS A 247 3.37 12.71 -33.62
N ALA A 248 3.32 11.46 -34.07
CA ALA A 248 3.28 10.31 -33.17
C ALA A 248 4.67 9.89 -32.70
N ILE A 249 5.69 10.26 -33.46
CA ILE A 249 7.08 10.06 -33.08
C ILE A 249 7.47 11.08 -32.01
N VAL A 250 6.69 12.15 -31.93
CA VAL A 250 6.99 13.25 -31.02
C VAL A 250 6.33 13.08 -29.66
N LEU A 251 5.06 12.68 -29.67
CA LEU A 251 4.31 12.48 -28.44
C LEU A 251 4.83 11.24 -27.72
N GLY A 252 4.78 10.10 -28.43
CA GLY A 252 5.34 8.84 -27.97
C GLY A 252 6.86 8.78 -28.06
N MET A 253 7.50 9.91 -27.76
CA MET A 253 8.95 10.00 -27.78
C MET A 253 9.58 9.28 -26.59
N HIS A 254 8.92 9.47 -25.45
CA HIS A 254 9.28 8.93 -24.12
C HIS A 254 9.31 7.43 -23.80
N LEU A 255 8.39 6.63 -24.33
CA LEU A 255 8.39 5.20 -24.00
C LEU A 255 9.66 4.45 -24.38
N ALA A 256 10.17 4.70 -25.59
CA ALA A 256 11.38 4.04 -26.06
C ALA A 256 12.60 4.46 -25.26
N MET A 257 12.35 4.96 -24.04
CA MET A 257 13.44 5.40 -23.17
C MET A 257 13.16 5.01 -21.72
N PRO A 258 11.91 5.02 -21.37
CA PRO A 258 11.52 4.70 -19.99
C PRO A 258 11.41 3.19 -19.76
N PRO A 259 11.59 2.32 -20.91
CA PRO A 259 11.64 0.91 -20.50
C PRO A 259 13.02 0.30 -20.76
N ALA B 14 -5.86 43.15 -9.70
CA ALA B 14 -7.26 42.92 -9.41
C ALA B 14 -8.08 42.77 -10.69
N GLY B 15 -9.24 42.15 -10.58
CA GLY B 15 -10.11 41.93 -11.72
C GLY B 15 -9.38 41.30 -12.89
N LEU B 16 -9.53 41.90 -14.07
CA LEU B 16 -10.35 43.09 -14.22
C LEU B 16 -11.73 42.74 -14.80
N THR B 17 -11.81 42.63 -16.12
CA THR B 17 -13.05 42.29 -16.78
C THR B 17 -13.88 41.34 -15.93
N ALA B 18 -15.20 41.33 -16.14
CA ALA B 18 -16.09 40.48 -15.37
C ALA B 18 -16.11 39.05 -15.94
N SER B 19 -16.62 38.91 -17.16
CA SER B 19 -16.71 37.61 -17.81
C SER B 19 -15.42 36.82 -17.62
N GLN B 20 -14.44 37.06 -18.50
CA GLN B 20 -13.17 36.37 -18.43
C GLN B 20 -12.84 35.55 -17.19
N GLN B 21 -13.19 36.07 -16.02
CA GLN B 21 -12.94 35.39 -14.74
C GLN B 21 -13.70 34.07 -14.86
N TRP B 22 -14.96 34.17 -15.26
CA TRP B 22 -15.82 33.00 -15.47
C TRP B 22 -15.12 31.87 -16.23
N THR B 23 -14.57 32.16 -17.41
CA THR B 23 -13.93 31.13 -18.21
C THR B 23 -12.61 30.72 -17.56
N LEU B 24 -11.88 31.71 -17.06
CA LEU B 24 -10.59 31.44 -16.41
C LEU B 24 -10.86 30.46 -15.27
N LEU B 25 -11.93 30.72 -14.51
CA LEU B 25 -12.28 29.86 -13.39
C LEU B 25 -12.62 28.47 -13.90
N GLU B 26 -13.32 28.43 -15.03
CA GLU B 26 -13.72 27.18 -15.65
C GLU B 26 -12.51 26.37 -16.09
N TRP B 27 -11.49 27.04 -16.62
CA TRP B 27 -10.29 26.34 -17.08
C TRP B 27 -9.52 25.62 -15.96
N ILE B 28 -9.42 26.27 -14.81
CA ILE B 28 -8.72 25.75 -13.65
C ILE B 28 -9.51 24.61 -13.01
N HIS B 29 -10.84 24.72 -13.04
CA HIS B 29 -11.68 23.72 -12.42
C HIS B 29 -11.53 22.42 -13.19
N MET B 30 -11.66 22.51 -14.51
CA MET B 30 -11.53 21.31 -15.33
C MET B 30 -10.13 20.71 -15.31
N ALA B 31 -9.11 21.56 -15.25
CA ALA B 31 -7.72 21.12 -15.19
C ALA B 31 -7.33 20.43 -13.86
N GLY B 32 -8.23 20.45 -12.87
CA GLY B 32 -8.00 19.78 -11.59
C GLY B 32 -8.64 18.39 -11.59
N HIS B 33 -9.21 18.04 -12.74
CA HIS B 33 -9.98 16.84 -12.90
C HIS B 33 -9.35 15.94 -13.95
N ILE B 34 -8.28 16.41 -14.55
CA ILE B 34 -7.68 15.68 -15.66
C ILE B 34 -6.82 14.54 -15.16
N GLU B 35 -7.25 13.31 -15.46
CA GLU B 35 -6.49 12.10 -15.11
C GLU B 35 -5.95 11.46 -16.38
N THR B 36 -6.85 11.05 -17.27
CA THR B 36 -6.50 10.26 -18.44
C THR B 36 -5.90 11.18 -19.46
N GLU B 37 -5.31 10.58 -20.49
CA GLU B 37 -4.61 11.29 -21.53
C GLU B 37 -5.50 11.98 -22.53
N ASN B 38 -6.58 11.28 -22.88
CA ASN B 38 -7.60 11.85 -23.78
C ASN B 38 -8.32 13.04 -23.17
N GLU B 39 -8.54 12.99 -21.85
CA GLU B 39 -9.14 14.08 -21.13
C GLU B 39 -8.23 15.28 -21.34
N LEU B 40 -6.93 15.06 -21.36
CA LEU B 40 -6.00 16.16 -21.50
C LEU B 40 -6.05 16.64 -22.92
N LYS B 41 -5.96 15.69 -23.86
CA LYS B 41 -6.12 15.99 -25.30
C LYS B 41 -7.33 16.92 -25.56
N ALA B 42 -8.52 16.37 -25.36
CA ALA B 42 -9.80 17.07 -25.43
C ALA B 42 -9.82 18.49 -24.87
N PHE B 43 -9.36 18.64 -23.63
CA PHE B 43 -9.37 19.92 -22.91
C PHE B 43 -8.51 21.01 -23.58
N LEU B 44 -7.36 20.58 -24.09
CA LEU B 44 -6.45 21.50 -24.76
C LEU B 44 -7.04 21.98 -26.06
N ASP B 45 -8.02 21.24 -26.56
CA ASP B 45 -8.76 21.69 -27.73
C ASP B 45 -9.72 22.82 -27.36
N GLN B 46 -10.55 22.61 -26.33
CA GLN B 46 -11.52 23.63 -25.89
C GLN B 46 -10.82 24.90 -25.41
N VAL B 47 -9.51 24.79 -25.23
CA VAL B 47 -8.68 25.94 -24.87
C VAL B 47 -8.16 26.66 -26.12
N LEU B 48 -7.59 25.89 -27.04
CA LEU B 48 -7.03 26.41 -28.28
C LEU B 48 -8.07 26.79 -29.38
N SER B 49 -9.35 26.85 -29.00
CA SER B 49 -10.42 27.33 -29.88
C SER B 49 -11.03 28.62 -29.30
N GLN B 50 -10.61 29.02 -28.09
CA GLN B 50 -10.73 30.40 -27.58
C GLN B 50 -9.35 31.07 -27.74
N ALA B 51 -8.64 30.68 -28.80
CA ALA B 51 -7.25 31.07 -29.01
C ALA B 51 -6.90 31.38 -30.47
N PRO B 52 -6.39 32.61 -30.71
CA PRO B 52 -5.93 33.12 -32.03
C PRO B 52 -4.74 32.33 -32.54
N SER B 53 -4.91 31.03 -32.71
CA SER B 53 -3.85 30.17 -33.21
C SER B 53 -4.29 28.71 -33.24
N GLU B 54 -3.54 27.90 -33.98
CA GLU B 54 -3.86 26.47 -34.09
C GLU B 54 -2.58 25.62 -34.03
N ARG B 55 -1.54 26.17 -33.40
CA ARG B 55 -0.28 25.47 -33.26
C ARG B 55 0.34 25.70 -31.89
N LEU B 56 0.02 24.81 -30.95
CA LEU B 56 0.55 24.91 -29.60
C LEU B 56 1.47 23.73 -29.28
N LEU B 57 1.32 23.19 -28.07
CA LEU B 57 2.14 22.04 -27.66
C LEU B 57 2.41 22.07 -26.16
N LEU B 58 2.30 20.90 -25.53
CA LEU B 58 2.55 20.78 -24.10
C LEU B 58 3.66 19.77 -23.83
N ALA B 59 4.65 20.17 -23.04
CA ALA B 59 5.78 19.31 -22.73
C ALA B 59 6.26 19.40 -21.27
N LEU B 60 6.52 18.23 -20.69
CA LEU B 60 7.25 18.06 -19.42
C LEU B 60 8.73 17.95 -19.75
N GLY B 61 9.57 18.36 -18.80
CA GLY B 61 11.01 18.23 -18.94
C GLY B 61 11.70 18.21 -17.59
N ARG B 62 12.83 17.52 -17.49
CA ARG B 62 13.55 17.46 -16.23
C ARG B 62 14.02 18.86 -15.90
N LEU B 63 13.96 19.24 -14.63
CA LEU B 63 14.38 20.57 -14.24
C LEU B 63 15.67 20.59 -13.44
N ASN B 64 16.67 21.27 -14.00
CA ASN B 64 17.97 21.45 -13.39
C ASN B 64 17.93 22.63 -12.42
N ASN B 65 18.96 22.77 -11.60
CA ASN B 65 18.99 23.89 -10.67
C ASN B 65 18.97 25.15 -11.52
N GLN B 66 19.70 25.10 -12.63
CA GLN B 66 19.74 26.22 -13.57
C GLN B 66 18.39 26.27 -14.29
N ASN B 67 18.02 27.45 -14.80
CA ASN B 67 16.74 27.61 -15.47
C ASN B 67 16.58 26.75 -16.74
N GLN B 68 17.64 26.65 -17.53
CA GLN B 68 17.59 25.87 -18.76
C GLN B 68 17.37 24.37 -18.52
N ILE B 69 16.49 23.77 -19.32
CA ILE B 69 16.19 22.34 -19.23
C ILE B 69 17.33 21.48 -19.78
N GLN B 70 17.45 20.26 -19.27
CA GLN B 70 18.51 19.37 -19.75
C GLN B 70 17.99 18.35 -20.76
N ARG B 71 16.81 17.82 -20.52
CA ARG B 71 16.22 16.82 -21.40
C ARG B 71 14.71 16.93 -21.34
N LEU B 72 14.04 16.54 -22.43
CA LEU B 72 12.58 16.45 -22.42
C LEU B 72 12.09 15.07 -21.94
N GLU B 73 11.00 15.09 -21.19
CA GLU B 73 10.48 13.86 -20.62
C GLU B 73 9.47 13.31 -21.58
N ARG B 74 8.35 14.01 -21.68
CA ARG B 74 7.27 13.59 -22.55
C ARG B 74 6.77 14.81 -23.29
N VAL B 75 6.15 14.57 -24.43
CA VAL B 75 5.43 15.63 -25.09
C VAL B 75 4.00 15.12 -25.26
N LEU B 76 3.05 15.90 -24.75
CA LEU B 76 1.63 15.54 -24.84
C LEU B 76 0.83 16.59 -25.61
N ASN B 77 1.43 17.10 -26.69
CA ASN B 77 0.77 18.10 -27.50
C ASN B 77 0.21 17.53 -28.80
N VAL B 78 -0.36 18.41 -29.62
CA VAL B 78 -0.94 17.97 -30.90
C VAL B 78 -1.36 19.18 -31.73
N SER B 79 -0.43 20.10 -31.95
CA SER B 79 -0.71 21.30 -32.73
C SER B 79 0.35 21.50 -33.82
N TYR B 80 1.57 21.81 -33.40
CA TYR B 80 2.67 22.03 -34.34
C TYR B 80 2.42 21.31 -35.65
N PRO B 81 2.86 21.93 -36.74
CA PRO B 81 2.68 21.34 -38.09
C PRO B 81 3.27 19.93 -38.16
N SER B 82 3.58 19.49 -39.37
CA SER B 82 4.15 18.16 -39.59
C SER B 82 5.55 18.25 -40.19
N ASP B 83 5.85 19.38 -40.82
CA ASP B 83 7.15 19.59 -41.44
C ASP B 83 8.14 20.16 -40.44
N TRP B 84 7.76 21.24 -39.78
CA TRP B 84 8.62 21.89 -38.80
C TRP B 84 9.09 20.90 -37.72
N LEU B 85 8.27 19.86 -37.47
CA LEU B 85 8.68 18.79 -36.55
C LEU B 85 9.80 17.96 -37.16
N ASP B 86 9.55 17.37 -38.33
CA ASP B 86 10.55 16.59 -39.06
C ASP B 86 11.91 17.29 -39.03
N GLN B 87 11.89 18.55 -39.48
CA GLN B 87 13.08 19.39 -39.53
C GLN B 87 13.71 19.74 -38.14
N TYR B 88 12.87 19.98 -37.14
CA TYR B 88 13.35 20.35 -35.80
C TYR B 88 14.17 19.19 -35.27
N MET B 89 13.70 17.98 -35.53
CA MET B 89 14.39 16.76 -35.14
C MET B 89 15.69 16.59 -35.94
N LYS B 90 15.55 16.43 -37.25
CA LYS B 90 16.70 16.27 -38.17
C LYS B 90 17.89 17.22 -37.90
N GLU B 91 17.62 18.52 -37.92
CA GLU B 91 18.67 19.54 -37.70
C GLU B 91 19.12 19.62 -36.25
N ASN B 92 18.39 18.90 -35.38
CA ASN B 92 18.61 18.98 -33.95
C ASN B 92 18.65 20.43 -33.46
N TYR B 93 17.61 21.18 -33.82
CA TYR B 93 17.49 22.56 -33.39
C TYR B 93 17.33 22.65 -31.87
N ALA B 94 16.99 21.51 -31.29
CA ALA B 94 16.69 21.41 -29.87
C ALA B 94 17.72 22.19 -29.06
N GLN B 95 18.98 22.13 -29.52
CA GLN B 95 20.09 22.74 -28.80
C GLN B 95 20.09 24.27 -28.92
N HIS B 96 19.92 24.75 -30.15
CA HIS B 96 20.02 26.17 -30.45
C HIS B 96 18.67 26.89 -30.41
N ASP B 97 17.62 26.16 -29.99
CA ASP B 97 16.34 26.82 -29.74
C ASP B 97 16.47 27.64 -28.46
N PRO B 98 16.38 28.98 -28.60
CA PRO B 98 16.58 29.95 -27.50
C PRO B 98 15.44 29.91 -26.49
N ILE B 99 14.40 29.13 -26.82
CA ILE B 99 13.21 29.03 -25.97
C ILE B 99 13.37 27.98 -24.88
N LEU B 100 14.00 26.85 -25.18
CA LEU B 100 14.22 25.84 -24.16
C LEU B 100 15.21 26.36 -23.08
N ARG B 101 15.69 27.58 -23.30
CA ARG B 101 16.66 28.16 -22.42
C ARG B 101 16.00 29.05 -21.36
N ILE B 102 14.68 29.23 -21.45
CA ILE B 102 14.00 30.02 -20.43
C ILE B 102 14.30 29.38 -19.11
N HIS B 103 14.13 30.15 -18.04
CA HIS B 103 14.04 29.59 -16.72
C HIS B 103 12.54 29.49 -16.42
N LEU B 104 12.11 28.29 -16.02
CA LEU B 104 10.72 28.03 -15.71
C LEU B 104 10.20 28.74 -14.46
N GLY B 105 8.89 28.99 -14.44
CA GLY B 105 8.25 29.65 -13.32
C GLY B 105 8.43 31.15 -13.24
N GLN B 106 8.79 31.77 -14.37
CA GLN B 106 9.00 33.22 -14.41
C GLN B 106 8.16 33.86 -15.51
N GLY B 107 6.89 34.10 -15.21
CA GLY B 107 5.98 34.70 -16.17
C GLY B 107 6.17 34.16 -17.57
N PRO B 108 5.48 34.78 -18.54
CA PRO B 108 5.58 34.35 -19.94
C PRO B 108 6.56 35.21 -20.73
N VAL B 109 7.12 34.65 -21.79
CA VAL B 109 8.07 35.36 -22.64
C VAL B 109 7.71 35.24 -24.12
N MET B 110 7.57 36.37 -24.78
CA MET B 110 7.22 36.39 -26.20
C MET B 110 8.38 35.92 -27.08
N TRP B 111 8.04 35.25 -28.17
CA TRP B 111 9.04 34.78 -29.14
C TRP B 111 9.78 35.95 -29.81
N GLU B 112 9.03 36.86 -30.43
CA GLU B 112 9.64 38.05 -31.01
C GLU B 112 10.70 38.70 -30.07
N GLU B 113 10.28 39.13 -28.88
CA GLU B 113 11.16 39.78 -27.91
C GLU B 113 12.44 38.99 -27.59
N ARG B 114 12.35 37.68 -27.60
CA ARG B 114 13.46 36.80 -27.25
C ARG B 114 14.25 36.36 -28.49
N PHE B 115 13.84 36.87 -29.66
CA PHE B 115 14.51 36.54 -30.92
C PHE B 115 15.42 37.68 -31.41
N ASN B 116 15.09 38.91 -31.02
CA ASN B 116 15.89 40.08 -31.38
C ASN B 116 17.08 40.25 -30.44
N ARG B 117 17.16 39.41 -29.42
CA ARG B 117 18.18 39.56 -28.41
C ARG B 117 19.08 38.32 -28.28
N ALA B 118 18.79 37.30 -29.08
CA ALA B 118 19.69 36.17 -29.24
C ALA B 118 20.75 36.57 -30.27
N LYS B 119 22.01 36.47 -29.91
CA LYS B 119 23.07 37.00 -30.77
C LYS B 119 24.11 35.98 -31.24
N GLY B 120 23.82 34.70 -31.06
CA GLY B 120 24.66 33.63 -31.60
C GLY B 120 24.33 33.40 -33.06
N ALA B 121 25.22 32.69 -33.77
CA ALA B 121 25.04 32.45 -35.20
C ALA B 121 24.20 31.18 -35.45
N GLU B 122 24.37 30.17 -34.61
CA GLU B 122 23.53 28.98 -34.67
C GLU B 122 22.11 29.37 -34.28
N GLU B 123 22.00 30.32 -33.37
CA GLU B 123 20.72 30.85 -32.91
C GLU B 123 20.04 31.69 -34.00
N LYS B 124 20.70 32.76 -34.45
CA LYS B 124 20.17 33.64 -35.52
C LYS B 124 19.82 32.86 -36.80
N ARG B 125 20.44 31.69 -36.95
CA ARG B 125 20.19 30.80 -38.08
C ARG B 125 18.88 29.99 -37.90
N PHE B 126 18.71 29.42 -36.71
CA PHE B 126 17.47 28.74 -36.32
C PHE B 126 16.26 29.70 -36.37
N ILE B 127 16.41 30.84 -35.69
CA ILE B 127 15.41 31.92 -35.67
C ILE B 127 14.84 32.26 -37.06
N ALA B 128 15.73 32.32 -38.04
CA ALA B 128 15.36 32.63 -39.44
C ALA B 128 14.60 31.46 -40.11
N GLU B 129 15.08 30.24 -39.85
CA GLU B 129 14.46 29.04 -40.38
C GLU B 129 13.06 28.87 -39.79
N ALA B 130 12.91 29.27 -38.52
CA ALA B 130 11.60 29.28 -37.86
C ALA B 130 10.65 30.26 -38.54
N THR B 131 11.17 31.42 -38.90
CA THR B 131 10.38 32.51 -39.45
C THR B 131 9.78 32.20 -40.82
N GLN B 132 10.25 31.13 -41.46
CA GLN B 132 9.66 30.66 -42.72
C GLN B 132 8.48 29.74 -42.40
N ASN B 133 8.63 28.94 -41.34
CA ASN B 133 7.63 27.93 -40.96
C ASN B 133 6.59 28.46 -39.98
N GLY B 134 6.46 29.78 -39.90
CA GLY B 134 5.43 30.44 -39.12
C GLY B 134 5.84 30.66 -37.68
N MET B 135 6.96 30.06 -37.27
CA MET B 135 7.40 30.13 -35.87
C MET B 135 8.28 31.36 -35.63
N GLY B 136 8.09 32.39 -36.45
CA GLY B 136 8.85 33.61 -36.32
C GLY B 136 8.42 34.44 -35.13
N SER B 137 7.34 34.02 -34.48
CA SER B 137 6.82 34.72 -33.31
C SER B 137 5.76 33.89 -32.60
N GLY B 138 5.74 33.98 -31.27
CA GLY B 138 4.78 33.24 -30.47
C GLY B 138 4.88 33.57 -28.99
N ILE B 139 4.51 32.61 -28.15
CA ILE B 139 4.55 32.81 -26.71
C ILE B 139 4.67 31.48 -25.97
N THR B 140 5.32 31.50 -24.82
CA THR B 140 5.51 30.28 -24.01
C THR B 140 5.41 30.58 -22.51
N PHE B 141 4.47 29.89 -21.86
CA PHE B 141 4.28 30.00 -20.41
C PHE B 141 4.99 28.86 -19.75
N SER B 142 5.26 29.03 -18.48
CA SER B 142 6.09 28.04 -17.80
C SER B 142 5.60 27.77 -16.37
N ALA B 143 5.77 26.52 -15.94
CA ALA B 143 5.47 26.14 -14.57
C ALA B 143 6.56 25.20 -14.13
N ALA B 144 7.04 25.38 -12.90
CA ALA B 144 8.05 24.47 -12.37
C ALA B 144 7.67 23.92 -11.01
N SER B 145 8.29 22.80 -10.65
CA SER B 145 7.93 22.05 -9.45
C SER B 145 9.21 21.72 -8.68
N GLU B 146 9.77 22.71 -8.00
CA GLU B 146 11.12 22.58 -7.43
C GLU B 146 11.25 21.48 -6.38
N ARG B 147 10.14 20.95 -5.90
CA ARG B 147 10.26 19.88 -4.94
C ARG B 147 11.01 18.78 -5.67
N ASN B 148 10.67 18.59 -6.95
CA ASN B 148 11.33 17.58 -7.77
C ASN B 148 12.10 17.99 -9.03
N ASN B 149 12.43 19.27 -9.24
CA ASN B 149 13.05 19.58 -10.51
C ASN B 149 12.43 18.84 -11.69
N ILE B 150 11.14 19.11 -11.90
CA ILE B 150 10.38 18.80 -13.14
C ILE B 150 9.55 20.04 -13.48
N GLY B 151 9.32 20.29 -14.76
CA GLY B 151 8.66 21.52 -15.19
C GLY B 151 7.84 21.37 -16.43
N SER B 152 6.93 22.31 -16.66
CA SER B 152 6.09 22.31 -17.89
C SER B 152 6.32 23.56 -18.73
N ILE B 153 6.34 23.36 -20.05
CA ILE B 153 6.20 24.47 -20.97
C ILE B 153 4.89 24.31 -21.74
N LEU B 154 4.33 25.45 -22.12
CA LEU B 154 3.17 25.47 -22.97
C LEU B 154 3.37 26.59 -23.99
N SER B 155 3.49 26.18 -25.26
CA SER B 155 3.65 27.14 -26.35
C SER B 155 2.41 27.33 -27.25
N ILE B 156 2.23 28.58 -27.67
CA ILE B 156 1.37 28.88 -28.81
C ILE B 156 2.14 29.77 -29.82
N ALA B 157 2.15 29.32 -31.07
CA ALA B 157 2.85 30.05 -32.11
C ALA B 157 1.91 31.07 -32.78
N GLY B 158 2.43 32.26 -33.07
CA GLY B 158 1.63 33.29 -33.73
C GLY B 158 1.83 34.68 -33.14
N ARG B 159 1.60 35.69 -33.96
CA ARG B 159 1.66 37.08 -33.50
C ARG B 159 0.39 37.48 -32.80
N GLU B 160 -0.69 36.75 -33.07
CA GLU B 160 -2.01 37.11 -32.56
C GLU B 160 -2.30 36.73 -31.10
N PRO B 161 -1.84 35.55 -30.66
CA PRO B 161 -1.95 35.23 -29.23
C PRO B 161 -1.45 36.33 -28.28
N GLY B 162 -0.32 36.97 -28.63
CA GLY B 162 0.32 37.92 -27.73
C GLY B 162 -0.29 39.31 -27.71
N ARG B 163 -1.09 39.60 -28.74
CA ARG B 163 -1.80 40.89 -28.85
C ARG B 163 -3.10 40.86 -28.06
N ASN B 164 -3.39 39.70 -27.45
CA ASN B 164 -4.59 39.55 -26.61
C ASN B 164 -4.20 39.48 -25.13
N ALA B 165 -4.10 40.65 -24.50
CA ALA B 165 -3.68 40.74 -23.10
C ALA B 165 -4.58 39.99 -22.08
N ALA B 166 -5.89 40.00 -22.28
CA ALA B 166 -6.80 39.39 -21.30
C ALA B 166 -6.62 37.89 -21.06
N LEU B 167 -6.41 37.11 -22.12
CA LEU B 167 -6.14 35.69 -21.99
C LEU B 167 -4.66 35.35 -21.84
N VAL B 168 -3.78 36.12 -22.47
CA VAL B 168 -2.35 35.91 -22.19
C VAL B 168 -2.30 35.67 -20.67
N ALA B 169 -2.94 36.54 -19.90
CA ALA B 169 -2.89 36.44 -18.44
C ALA B 169 -3.71 35.26 -17.97
N MET B 170 -4.74 34.90 -18.74
CA MET B 170 -5.56 33.74 -18.43
C MET B 170 -4.79 32.43 -18.62
N LEU B 171 -4.19 32.24 -19.79
CA LEU B 171 -3.41 31.05 -20.08
C LEU B 171 -2.23 30.97 -19.14
N ASN B 172 -1.72 32.13 -18.74
CA ASN B 172 -0.58 32.13 -17.85
C ASN B 172 -0.92 31.54 -16.46
N CYS B 173 -2.13 31.79 -15.96
CA CYS B 173 -2.50 31.28 -14.63
C CYS B 173 -3.02 29.89 -14.74
N LEU B 174 -3.27 29.47 -15.96
CA LEU B 174 -3.80 28.15 -16.17
C LEU B 174 -2.60 27.18 -16.17
N THR B 175 -1.50 27.68 -16.74
CA THR B 175 -0.32 26.83 -16.95
C THR B 175 0.02 25.90 -15.79
N PRO B 176 0.24 26.46 -14.59
CA PRO B 176 0.62 25.67 -13.41
C PRO B 176 -0.39 24.58 -13.03
N HIS B 177 -1.57 24.58 -13.63
CA HIS B 177 -2.56 23.57 -13.34
C HIS B 177 -2.55 22.52 -14.43
N LEU B 178 -2.12 22.95 -15.61
CA LEU B 178 -1.83 22.03 -16.70
C LEU B 178 -0.59 21.23 -16.36
N HIS B 179 0.38 21.90 -15.72
CA HIS B 179 1.59 21.24 -15.25
C HIS B 179 1.23 20.06 -14.32
N GLN B 180 0.41 20.34 -13.30
CA GLN B 180 -0.09 19.30 -12.39
C GLN B 180 -0.81 18.17 -13.14
N ALA B 181 -1.69 18.56 -14.06
CA ALA B 181 -2.43 17.63 -14.89
C ALA B 181 -1.50 16.79 -15.78
N ALA B 182 -0.39 17.39 -16.25
CA ALA B 182 0.57 16.67 -17.08
C ALA B 182 1.30 15.56 -16.30
N ILE B 183 1.84 15.95 -15.16
CA ILE B 183 2.50 15.02 -14.25
C ILE B 183 1.72 13.73 -13.98
N ARG B 184 0.45 13.96 -13.61
CA ARG B 184 -0.52 12.91 -13.25
C ARG B 184 -0.77 12.11 -14.47
N VAL B 185 -0.92 12.78 -15.59
CA VAL B 185 -1.10 12.04 -16.82
C VAL B 185 0.12 11.18 -17.14
N ALA B 186 1.28 11.56 -16.63
CA ALA B 186 2.53 10.88 -16.96
C ALA B 186 3.40 10.39 -15.80
N ASN B 187 3.64 11.26 -14.82
CA ASN B 187 4.57 10.97 -13.73
C ASN B 187 5.97 10.72 -14.30
N LEU B 188 6.64 9.65 -13.88
CA LEU B 188 6.18 8.79 -12.81
C LEU B 188 7.05 8.89 -11.55
N PRO B 189 8.06 9.76 -11.57
CA PRO B 189 8.96 9.90 -10.44
C PRO B 189 8.74 9.01 -9.23
N PRO B 197 8.35 11.84 8.47
CA PRO B 197 7.50 12.75 9.23
C PRO B 197 8.08 12.94 10.62
N LEU B 198 8.69 11.90 11.18
CA LEU B 198 9.25 11.97 12.52
C LEU B 198 10.52 11.14 12.62
N SER B 199 11.40 11.52 13.54
CA SER B 199 12.64 10.80 13.76
C SER B 199 12.30 9.40 14.26
N GLN B 200 13.11 8.42 13.89
CA GLN B 200 12.87 7.04 14.30
C GLN B 200 12.78 6.79 15.80
N ARG B 201 13.66 7.42 16.57
CA ARG B 201 13.64 7.25 18.02
C ARG B 201 12.33 7.77 18.60
N GLU B 202 11.89 8.92 18.11
CA GLU B 202 10.64 9.53 18.57
C GLU B 202 9.45 8.66 18.22
N TYR B 203 9.46 8.08 17.02
CA TYR B 203 8.39 7.24 16.54
C TYR B 203 8.03 6.17 17.55
N ASP B 204 9.05 5.63 18.21
CA ASP B 204 8.84 4.63 19.25
C ASP B 204 8.00 5.26 20.36
N ILE B 205 8.37 6.50 20.71
CA ILE B 205 7.56 7.34 21.60
C ILE B 205 6.09 7.35 21.14
N PHE B 206 5.87 7.82 19.90
CA PHE B 206 4.54 7.94 19.31
C PHE B 206 3.79 6.60 19.15
N HIS B 207 4.54 5.60 18.72
CA HIS B 207 4.10 4.23 18.67
C HIS B 207 3.40 3.86 19.96
N TRP B 208 3.86 4.40 21.08
CA TRP B 208 3.27 4.07 22.36
C TRP B 208 2.18 5.05 22.71
N MET B 209 2.39 6.32 22.34
CA MET B 209 1.42 7.36 22.63
C MET B 209 0.08 6.88 22.18
N SER B 210 0.11 6.15 21.07
CA SER B 210 -1.07 5.74 20.36
C SER B 210 -1.78 4.51 20.94
N ARG B 211 -1.11 3.74 21.79
CA ARG B 211 -1.71 2.53 22.38
C ARG B 211 -2.37 2.81 23.73
N GLY B 212 -2.42 4.09 24.10
CA GLY B 212 -3.09 4.51 25.32
C GLY B 212 -2.15 4.92 26.44
N LYS B 213 -0.86 4.64 26.25
CA LYS B 213 0.14 4.71 27.32
C LYS B 213 0.43 6.16 27.79
N THR B 214 0.58 6.35 29.09
CA THR B 214 0.92 7.66 29.67
C THR B 214 2.42 7.99 29.55
N ASN B 215 2.76 9.22 29.90
CA ASN B 215 4.13 9.68 29.76
C ASN B 215 5.07 8.78 30.51
N TRP B 216 4.55 8.20 31.59
CA TRP B 216 5.32 7.35 32.48
C TRP B 216 5.53 5.94 31.92
N GLU B 217 4.45 5.29 31.53
CA GLU B 217 4.54 3.95 30.97
C GLU B 217 5.51 3.85 29.81
N ILE B 218 5.92 5.00 29.29
CA ILE B 218 6.87 5.07 28.18
C ILE B 218 8.31 5.12 28.67
N ALA B 219 8.58 6.02 29.62
CA ALA B 219 9.87 6.07 30.28
C ALA B 219 10.19 4.66 30.72
N THR B 220 9.17 4.03 31.30
CA THR B 220 9.16 2.62 31.63
C THR B 220 9.81 1.73 30.57
N ILE B 221 9.28 1.80 29.34
CA ILE B 221 9.50 0.77 28.34
C ILE B 221 10.72 0.93 27.44
N LEU B 222 11.02 2.19 27.14
CA LEU B 222 12.15 2.60 26.31
C LEU B 222 13.31 3.10 27.20
N ASP B 223 13.11 3.00 28.52
CA ASP B 223 14.10 3.43 29.52
C ASP B 223 14.58 4.90 29.51
N ILE B 224 13.67 5.84 29.29
CA ILE B 224 14.02 7.27 29.27
C ILE B 224 13.21 8.08 30.30
N SER B 225 13.87 9.00 30.98
CA SER B 225 13.20 9.83 31.99
C SER B 225 12.06 10.60 31.33
N GLU B 226 11.06 10.92 32.13
CA GLU B 226 9.88 11.63 31.65
C GLU B 226 10.25 12.95 31.02
N ARG B 227 11.24 13.64 31.57
CA ARG B 227 11.66 14.90 30.99
C ARG B 227 12.11 14.53 29.57
N THR B 228 12.80 13.40 29.46
CA THR B 228 13.29 12.92 28.18
C THR B 228 12.11 12.57 27.26
N VAL B 229 11.08 11.94 27.84
CA VAL B 229 9.89 11.56 27.08
C VAL B 229 8.93 12.73 26.88
N LYS B 230 8.64 13.47 27.96
CA LYS B 230 7.78 14.65 27.85
C LYS B 230 8.30 15.64 26.82
N PHE B 231 9.62 15.60 26.57
CA PHE B 231 10.22 16.45 25.55
C PHE B 231 9.92 15.93 24.14
N HIS B 232 10.09 14.63 23.92
CA HIS B 232 9.83 14.02 22.61
C HIS B 232 8.37 14.15 22.20
N VAL B 233 7.46 13.91 23.14
CA VAL B 233 6.03 14.02 22.87
C VAL B 233 5.72 15.38 22.25
N ALA B 234 6.28 16.44 22.79
CA ALA B 234 6.01 17.77 22.23
C ALA B 234 6.50 17.93 20.79
N ASN B 235 7.71 17.42 20.52
CA ASN B 235 8.28 17.51 19.19
C ASN B 235 7.51 16.79 18.09
N VAL B 236 7.04 15.59 18.38
CA VAL B 236 6.29 14.82 17.39
C VAL B 236 5.01 15.57 17.03
N ILE B 237 4.35 16.11 18.04
CA ILE B 237 3.12 16.85 17.84
C ILE B 237 3.19 17.98 16.83
N ARG B 238 4.09 18.94 17.07
CA ARG B 238 4.23 20.06 16.15
C ARG B 238 4.63 19.55 14.77
N LYS B 239 5.54 18.58 14.75
CA LYS B 239 6.02 17.98 13.52
C LYS B 239 4.75 17.62 12.73
N LEU B 240 3.78 17.04 13.41
CA LEU B 240 2.52 16.63 12.75
C LEU B 240 1.46 17.72 12.62
N ASN B 241 1.73 18.89 13.19
CA ASN B 241 0.78 20.01 13.16
C ASN B 241 -0.44 19.74 14.01
N ALA B 242 -0.22 19.24 15.22
CA ALA B 242 -1.35 18.86 16.07
C ALA B 242 -1.53 19.84 17.22
N ASN B 243 -2.77 19.94 17.70
CA ASN B 243 -3.13 20.87 18.75
C ASN B 243 -2.69 20.29 20.07
N ASN B 244 -3.20 19.10 20.35
CA ASN B 244 -2.88 18.37 21.59
C ASN B 244 -2.21 16.98 21.41
N ARG B 245 -2.21 16.20 22.49
CA ARG B 245 -1.56 14.88 22.47
C ARG B 245 -2.50 13.82 21.91
N THR B 246 -3.78 14.15 21.81
CA THR B 246 -4.80 13.21 21.39
C THR B 246 -5.43 13.63 20.05
N HIS B 247 -4.64 14.36 19.27
CA HIS B 247 -5.05 14.89 17.99
C HIS B 247 -3.81 14.75 17.11
N ALA B 248 -2.63 14.70 17.75
CA ALA B 248 -1.42 14.22 17.09
C ALA B 248 -1.49 12.67 16.93
N ILE B 249 -2.04 12.00 17.94
CA ILE B 249 -2.35 10.56 17.82
C ILE B 249 -3.15 10.23 16.56
N VAL B 250 -4.20 11.02 16.31
CA VAL B 250 -5.10 10.85 15.15
C VAL B 250 -4.56 11.29 13.78
N LEU B 251 -4.02 12.51 13.72
CA LEU B 251 -3.36 12.94 12.48
C LEU B 251 -2.35 11.89 11.98
N GLY B 252 -1.55 11.35 12.90
CA GLY B 252 -0.45 10.46 12.56
C GLY B 252 -0.70 8.95 12.52
N MET B 253 -1.96 8.52 12.64
CA MET B 253 -2.28 7.08 12.59
C MET B 253 -1.73 6.32 11.36
N HIS B 254 -1.66 6.99 10.21
CA HIS B 254 -1.14 6.40 8.96
C HIS B 254 0.37 6.08 8.99
N LEU B 255 1.06 6.39 10.09
CA LEU B 255 2.52 6.26 10.18
C LEU B 255 2.96 4.89 10.70
N ALA B 256 2.29 4.44 11.75
CA ALA B 256 2.52 3.13 12.36
C ALA B 256 1.64 2.01 11.74
N MET B 257 0.78 2.35 10.77
CA MET B 257 0.01 1.34 10.00
C MET B 257 0.69 0.93 8.67
N PRO B 258 1.19 1.93 7.88
CA PRO B 258 2.30 1.75 6.93
C PRO B 258 3.68 2.04 7.56
N PRO C 11 9.39 -23.43 -2.58
CA PRO C 11 9.27 -22.21 -3.38
C PRO C 11 10.63 -21.60 -3.70
N LEU C 12 10.90 -21.38 -4.99
CA LEU C 12 12.16 -20.80 -5.41
C LEU C 12 12.03 -19.30 -5.63
N PRO C 13 12.98 -18.53 -5.07
CA PRO C 13 12.96 -17.07 -5.21
C PRO C 13 13.42 -16.64 -6.59
N ALA C 14 13.03 -15.43 -7.00
CA ALA C 14 13.40 -14.90 -8.30
C ALA C 14 14.27 -13.66 -8.16
N GLY C 15 15.09 -13.40 -9.18
CA GLY C 15 15.96 -12.24 -9.18
C GLY C 15 15.47 -11.13 -10.08
N LEU C 16 15.49 -9.90 -9.57
CA LEU C 16 15.04 -8.75 -10.34
C LEU C 16 16.05 -7.61 -10.27
N THR C 17 15.62 -6.42 -10.67
CA THR C 17 16.48 -5.24 -10.65
C THR C 17 16.65 -4.70 -9.24
N ALA C 18 17.77 -4.05 -8.98
CA ALA C 18 18.04 -3.47 -7.67
C ALA C 18 16.76 -2.97 -7.00
N SER C 19 15.97 -2.23 -7.76
CA SER C 19 14.71 -1.69 -7.25
C SER C 19 13.62 -2.72 -7.32
N GLN C 20 13.67 -3.56 -8.36
CA GLN C 20 12.70 -4.64 -8.47
C GLN C 20 12.91 -5.61 -7.30
N GLN C 21 14.17 -5.89 -7.03
CA GLN C 21 14.54 -6.81 -6.00
C GLN C 21 14.37 -6.23 -4.58
N TRP C 22 14.51 -4.91 -4.44
CA TRP C 22 14.21 -4.29 -3.16
C TRP C 22 12.72 -4.31 -2.89
N THR C 23 11.93 -4.16 -3.95
CA THR C 23 10.47 -4.09 -3.86
C THR C 23 9.89 -5.44 -3.47
N LEU C 24 10.43 -6.50 -4.05
CA LEU C 24 10.02 -7.85 -3.74
C LEU C 24 10.33 -8.16 -2.26
N LEU C 25 11.49 -7.66 -1.81
CA LEU C 25 11.90 -7.77 -0.42
C LEU C 25 10.85 -7.12 0.46
N GLU C 26 10.33 -5.99 0.02
CA GLU C 26 9.29 -5.29 0.75
C GLU C 26 8.04 -6.16 0.85
N TRP C 27 7.64 -6.72 -0.28
CA TRP C 27 6.42 -7.53 -0.34
C TRP C 27 6.50 -8.74 0.57
N ILE C 28 7.61 -9.47 0.50
CA ILE C 28 7.79 -10.62 1.36
C ILE C 28 7.79 -10.22 2.83
N HIS C 29 8.49 -9.14 3.14
CA HIS C 29 8.58 -8.65 4.51
C HIS C 29 7.19 -8.26 5.00
N MET C 30 6.42 -7.52 4.21
CA MET C 30 5.12 -7.10 4.69
C MET C 30 4.18 -8.31 4.81
N ALA C 31 4.31 -9.26 3.88
CA ALA C 31 3.49 -10.46 3.87
C ALA C 31 3.77 -11.42 5.06
N GLY C 32 4.81 -11.13 5.82
CA GLY C 32 5.15 -11.94 6.96
C GLY C 32 4.56 -11.31 8.22
N HIS C 33 3.81 -10.23 7.99
CA HIS C 33 3.27 -9.40 9.06
C HIS C 33 1.75 -9.37 9.05
N ILE C 34 1.16 -9.98 8.02
CA ILE C 34 -0.28 -9.93 7.84
C ILE C 34 -1.00 -10.88 8.77
N GLU C 35 -1.77 -10.32 9.69
CA GLU C 35 -2.60 -11.07 10.62
C GLU C 35 -4.08 -10.84 10.32
N THR C 36 -4.45 -9.55 10.22
CA THR C 36 -5.82 -9.11 10.02
C THR C 36 -6.24 -9.31 8.58
N GLU C 37 -7.54 -9.16 8.34
CA GLU C 37 -8.16 -9.48 7.07
C GLU C 37 -8.05 -8.19 6.27
N ASN C 38 -8.20 -7.09 7.00
CA ASN C 38 -8.06 -5.76 6.41
C ASN C 38 -6.64 -5.49 5.94
N GLU C 39 -5.67 -5.94 6.73
CA GLU C 39 -4.25 -5.87 6.38
C GLU C 39 -4.00 -6.64 5.06
N LEU C 40 -4.73 -7.72 4.83
CA LEU C 40 -4.50 -8.54 3.66
C LEU C 40 -5.10 -7.83 2.50
N LYS C 41 -6.33 -7.34 2.70
CA LYS C 41 -7.05 -6.56 1.69
C LYS C 41 -6.15 -5.42 1.20
N ALA C 42 -5.83 -4.50 2.11
CA ALA C 42 -4.93 -3.37 1.84
C ALA C 42 -3.64 -3.69 1.05
N PHE C 43 -2.99 -4.77 1.43
CA PHE C 43 -1.78 -5.22 0.75
C PHE C 43 -2.09 -5.58 -0.69
N LEU C 44 -3.17 -6.30 -0.89
CA LEU C 44 -3.60 -6.68 -2.23
C LEU C 44 -3.74 -5.44 -3.10
N ASP C 45 -4.24 -4.35 -2.51
CA ASP C 45 -4.38 -3.09 -3.21
C ASP C 45 -3.00 -2.50 -3.50
N GLN C 46 -2.09 -2.63 -2.53
CA GLN C 46 -0.72 -2.15 -2.69
C GLN C 46 -0.06 -2.87 -3.86
N VAL C 47 -0.22 -4.18 -3.91
CA VAL C 47 0.32 -4.97 -4.99
C VAL C 47 -0.15 -4.63 -6.40
N LEU C 48 -1.44 -4.42 -6.56
CA LEU C 48 -2.02 -4.12 -7.87
C LEU C 48 -1.62 -2.81 -8.55
N SER C 49 -1.43 -1.76 -7.78
CA SER C 49 -1.18 -0.51 -8.46
C SER C 49 -0.15 -1.02 -9.37
N GLN C 50 0.86 -1.68 -8.80
CA GLN C 50 1.97 -2.24 -9.55
C GLN C 50 1.56 -3.34 -10.54
N ALA C 51 0.61 -4.18 -10.14
CA ALA C 51 0.15 -5.27 -10.99
C ALA C 51 -0.46 -4.75 -12.29
N PRO C 52 -0.14 -5.44 -13.38
CA PRO C 52 -0.66 -5.06 -14.71
C PRO C 52 -2.17 -5.13 -14.82
N SER C 53 -2.77 -6.17 -14.24
CA SER C 53 -4.23 -6.32 -14.30
C SER C 53 -4.85 -5.97 -12.95
N GLU C 54 -5.82 -5.05 -12.98
CA GLU C 54 -6.51 -4.63 -11.76
C GLU C 54 -7.38 -5.75 -11.21
N ARG C 55 -7.62 -6.77 -12.04
CA ARG C 55 -8.44 -7.91 -11.62
C ARG C 55 -7.57 -9.07 -11.15
N LEU C 56 -7.87 -9.57 -9.96
CA LEU C 56 -7.12 -10.68 -9.40
C LEU C 56 -7.90 -11.36 -8.28
N LEU C 57 -7.56 -12.61 -8.00
CA LEU C 57 -8.23 -13.37 -6.96
C LEU C 57 -7.30 -14.11 -6.02
N LEU C 58 -7.74 -14.27 -4.77
CA LEU C 58 -6.95 -14.98 -3.77
C LEU C 58 -7.85 -15.99 -3.11
N ALA C 59 -7.50 -17.26 -3.24
CA ALA C 59 -8.29 -18.33 -2.65
C ALA C 59 -7.46 -19.46 -2.05
N LEU C 60 -7.91 -19.92 -0.88
CA LEU C 60 -7.47 -21.17 -0.24
C LEU C 60 -8.37 -22.31 -0.76
N GLY C 61 -7.81 -23.51 -0.84
CA GLY C 61 -8.59 -24.69 -1.17
C GLY C 61 -7.99 -25.98 -0.61
N ARG C 62 -8.84 -26.95 -0.29
CA ARG C 62 -8.39 -28.27 0.10
C ARG C 62 -7.77 -29.06 -1.05
N LEU C 63 -6.61 -29.68 -0.85
CA LEU C 63 -5.95 -30.43 -1.94
C LEU C 63 -5.83 -31.97 -1.92
N ASN C 64 -5.84 -32.54 -3.12
CA ASN C 64 -5.73 -33.98 -3.34
C ASN C 64 -4.23 -34.30 -3.41
N ASN C 65 -3.89 -35.57 -3.26
CA ASN C 65 -2.48 -35.98 -3.30
C ASN C 65 -1.57 -35.63 -4.48
N GLN C 66 -2.15 -35.05 -5.53
CA GLN C 66 -1.35 -34.56 -6.63
C GLN C 66 -1.37 -33.04 -6.60
N ASN C 67 -2.04 -32.53 -5.57
CA ASN C 67 -2.06 -31.10 -5.26
C ASN C 67 -2.96 -30.26 -6.16
N GLN C 68 -4.00 -30.86 -6.72
CA GLN C 68 -5.02 -30.06 -7.34
C GLN C 68 -6.08 -29.81 -6.29
N ILE C 69 -6.92 -28.82 -6.53
CA ILE C 69 -7.95 -28.44 -5.58
C ILE C 69 -9.16 -29.33 -5.79
N GLN C 70 -9.91 -29.59 -4.73
CA GLN C 70 -11.19 -30.25 -4.91
C GLN C 70 -12.35 -29.33 -4.54
N ARG C 71 -12.36 -28.89 -3.29
CA ARG C 71 -13.32 -27.91 -2.87
C ARG C 71 -12.58 -26.64 -2.49
N LEU C 72 -13.25 -25.49 -2.60
CA LEU C 72 -12.66 -24.25 -2.13
C LEU C 72 -13.00 -24.00 -0.66
N GLU C 73 -12.04 -23.43 0.04
CA GLU C 73 -12.25 -23.15 1.45
C GLU C 73 -12.82 -21.75 1.61
N ARG C 74 -11.98 -20.74 1.40
CA ARG C 74 -12.41 -19.37 1.55
C ARG C 74 -11.92 -18.50 0.39
N VAL C 75 -12.70 -17.52 -0.03
CA VAL C 75 -12.17 -16.65 -1.03
C VAL C 75 -11.98 -15.34 -0.39
N LEU C 76 -10.83 -14.74 -0.67
CA LEU C 76 -10.52 -13.49 -0.09
C LEU C 76 -10.15 -12.60 -1.23
N ASN C 77 -10.60 -11.36 -1.19
CA ASN C 77 -10.18 -10.41 -2.18
C ASN C 77 -10.27 -10.84 -3.61
N VAL C 78 -11.46 -11.02 -4.16
CA VAL C 78 -11.50 -11.44 -5.55
C VAL C 78 -11.70 -10.21 -6.38
N SER C 79 -10.69 -9.86 -7.14
CA SER C 79 -10.72 -8.69 -8.00
C SER C 79 -11.72 -8.74 -9.16
N TYR C 80 -12.09 -9.95 -9.57
CA TYR C 80 -12.97 -10.24 -10.69
C TYR C 80 -14.33 -9.56 -10.75
N PRO C 81 -14.75 -9.27 -11.99
CA PRO C 81 -16.00 -8.60 -12.30
C PRO C 81 -17.15 -9.39 -11.75
N SER C 82 -18.11 -8.71 -11.16
CA SER C 82 -19.26 -9.35 -10.56
C SER C 82 -20.21 -10.00 -11.53
N ASP C 83 -20.09 -9.69 -12.80
CA ASP C 83 -21.03 -10.28 -13.75
C ASP C 83 -20.50 -11.65 -14.10
N TRP C 84 -19.21 -11.72 -14.32
CA TRP C 84 -18.52 -12.99 -14.52
C TRP C 84 -18.63 -13.88 -13.27
N LEU C 85 -18.75 -13.26 -12.08
CA LEU C 85 -18.91 -13.99 -10.79
C LEU C 85 -20.21 -14.79 -10.48
N ASP C 86 -21.38 -14.19 -10.70
CA ASP C 86 -22.67 -14.89 -10.72
C ASP C 86 -22.72 -15.94 -11.82
N GLN C 87 -22.42 -15.50 -13.03
CA GLN C 87 -22.40 -16.35 -14.21
C GLN C 87 -21.51 -17.56 -13.92
N TYR C 88 -20.36 -17.35 -13.28
CA TYR C 88 -19.45 -18.46 -12.90
C TYR C 88 -20.15 -19.41 -11.92
N MET C 89 -20.80 -18.81 -10.93
CA MET C 89 -21.63 -19.56 -10.01
C MET C 89 -22.83 -20.23 -10.71
N LYS C 90 -23.73 -19.45 -11.29
CA LYS C 90 -24.92 -19.97 -11.98
C LYS C 90 -24.65 -21.19 -12.89
N GLU C 91 -23.76 -21.04 -13.86
CA GLU C 91 -23.44 -22.11 -14.81
C GLU C 91 -22.58 -23.21 -14.19
N ASN C 92 -22.13 -22.97 -12.95
CA ASN C 92 -21.25 -23.89 -12.26
C ASN C 92 -20.03 -24.24 -13.12
N TYR C 93 -19.35 -23.20 -13.58
CA TYR C 93 -18.17 -23.37 -14.43
C TYR C 93 -17.07 -23.98 -13.61
N ALA C 94 -17.25 -23.92 -12.29
CA ALA C 94 -16.25 -24.40 -11.33
C ALA C 94 -15.64 -25.75 -11.75
N GLN C 95 -16.48 -26.61 -12.31
CA GLN C 95 -16.11 -27.96 -12.69
C GLN C 95 -15.42 -27.90 -14.05
N HIS C 96 -15.90 -26.99 -14.89
CA HIS C 96 -15.42 -26.85 -16.27
C HIS C 96 -14.29 -25.85 -16.45
N ASP C 97 -13.82 -25.28 -15.35
CA ASP C 97 -12.65 -24.43 -15.41
C ASP C 97 -11.33 -25.18 -15.38
N PRO C 98 -10.53 -25.10 -16.46
CA PRO C 98 -9.29 -25.86 -16.64
C PRO C 98 -8.17 -25.36 -15.74
N ILE C 99 -8.45 -24.31 -14.99
CA ILE C 99 -7.46 -23.70 -14.13
C ILE C 99 -7.53 -24.34 -12.74
N LEU C 100 -8.73 -24.75 -12.31
CA LEU C 100 -8.85 -25.36 -10.99
C LEU C 100 -8.23 -26.75 -11.02
N ARG C 101 -7.69 -27.10 -12.18
CA ARG C 101 -7.09 -28.39 -12.38
C ARG C 101 -5.56 -28.37 -12.29
N ILE C 102 -4.97 -27.20 -12.13
CA ILE C 102 -3.51 -27.14 -11.93
C ILE C 102 -3.15 -28.04 -10.78
N HIS C 103 -1.87 -28.42 -10.75
CA HIS C 103 -1.32 -29.03 -9.56
C HIS C 103 -0.60 -27.89 -8.91
N LEU C 104 -0.90 -27.64 -7.64
CA LEU C 104 -0.30 -26.55 -6.88
C LEU C 104 1.18 -26.71 -6.58
N GLY C 105 1.86 -25.58 -6.38
CA GLY C 105 3.29 -25.57 -6.07
C GLY C 105 4.27 -25.72 -7.21
N GLN C 106 3.79 -25.53 -8.44
CA GLN C 106 4.64 -25.65 -9.62
C GLN C 106 4.58 -24.39 -10.47
N GLY C 107 5.45 -23.43 -10.16
CA GLY C 107 5.50 -22.18 -10.90
C GLY C 107 4.12 -21.64 -11.23
N PRO C 108 4.08 -20.58 -12.03
CA PRO C 108 2.81 -19.96 -12.42
C PRO C 108 2.08 -20.78 -13.49
N VAL C 109 1.21 -20.14 -14.25
CA VAL C 109 0.45 -20.81 -15.29
C VAL C 109 -0.28 -19.81 -16.19
N MET C 110 0.09 -19.79 -17.46
CA MET C 110 -0.54 -18.89 -18.43
C MET C 110 -1.93 -19.37 -18.89
N TRP C 111 -2.93 -18.52 -18.77
CA TRP C 111 -4.25 -18.88 -19.24
C TRP C 111 -4.25 -19.21 -20.73
N GLU C 112 -3.76 -18.32 -21.58
CA GLU C 112 -3.67 -18.60 -23.01
C GLU C 112 -3.10 -19.99 -23.27
N GLU C 113 -1.87 -20.25 -22.82
CA GLU C 113 -1.20 -21.54 -23.07
C GLU C 113 -2.01 -22.76 -22.61
N ARG C 114 -2.77 -22.61 -21.53
CA ARG C 114 -3.57 -23.69 -20.95
C ARG C 114 -4.99 -23.74 -21.53
N PHE C 115 -5.28 -22.86 -22.48
CA PHE C 115 -6.60 -22.79 -23.10
C PHE C 115 -6.59 -23.38 -24.52
N ASN C 116 -5.43 -23.34 -25.16
CA ASN C 116 -5.28 -23.92 -26.49
C ASN C 116 -5.05 -25.42 -26.44
N ARG C 117 -4.91 -25.96 -25.24
CA ARG C 117 -4.58 -27.37 -25.07
C ARG C 117 -5.66 -28.14 -24.32
N ALA C 118 -6.71 -27.44 -23.89
CA ALA C 118 -7.88 -28.07 -23.32
C ALA C 118 -8.73 -28.51 -24.49
N LYS C 119 -9.09 -29.79 -24.54
CA LYS C 119 -9.78 -30.31 -25.74
C LYS C 119 -11.16 -30.93 -25.50
N GLY C 120 -11.71 -30.73 -24.30
CA GLY C 120 -13.08 -31.11 -24.01
C GLY C 120 -14.06 -30.08 -24.55
N ALA C 121 -15.34 -30.46 -24.65
CA ALA C 121 -16.35 -29.57 -25.19
C ALA C 121 -16.96 -28.67 -24.13
N GLU C 122 -17.10 -29.17 -22.91
CA GLU C 122 -17.54 -28.34 -21.79
C GLU C 122 -16.45 -27.32 -21.48
N GLU C 123 -15.21 -27.72 -21.70
CA GLU C 123 -14.05 -26.85 -21.49
C GLU C 123 -13.95 -25.78 -22.58
N LYS C 124 -13.87 -26.18 -23.85
CA LYS C 124 -13.80 -25.23 -24.97
C LYS C 124 -14.99 -24.25 -25.00
N ARG C 125 -16.05 -24.64 -24.32
CA ARG C 125 -17.25 -23.83 -24.20
C ARG C 125 -17.11 -22.76 -23.11
N PHE C 126 -16.60 -23.16 -21.96
CA PHE C 126 -16.25 -22.23 -20.87
C PHE C 126 -15.18 -21.24 -21.32
N ILE C 127 -14.07 -21.77 -21.84
CA ILE C 127 -12.99 -20.98 -22.42
C ILE C 127 -13.46 -19.83 -23.30
N ALA C 128 -14.43 -20.11 -24.17
CA ALA C 128 -14.98 -19.10 -25.08
C ALA C 128 -15.85 -18.06 -24.36
N GLU C 129 -16.65 -18.53 -23.40
CA GLU C 129 -17.48 -17.65 -22.58
C GLU C 129 -16.63 -16.73 -21.73
N ALA C 130 -15.47 -17.23 -21.29
CA ALA C 130 -14.50 -16.42 -20.57
C ALA C 130 -13.92 -15.32 -21.49
N THR C 131 -13.63 -15.68 -22.73
CA THR C 131 -13.01 -14.75 -23.66
C THR C 131 -13.89 -13.54 -24.02
N GLN C 132 -15.15 -13.56 -23.62
CA GLN C 132 -16.04 -12.43 -23.84
C GLN C 132 -15.92 -11.54 -22.61
N ASN C 133 -15.74 -12.18 -21.46
CA ASN C 133 -15.68 -11.47 -20.18
C ASN C 133 -14.28 -11.05 -19.76
N GLY C 134 -13.34 -11.08 -20.71
CA GLY C 134 -12.01 -10.54 -20.51
C GLY C 134 -11.07 -11.59 -19.96
N MET C 135 -11.64 -12.71 -19.54
CA MET C 135 -10.88 -13.80 -18.94
C MET C 135 -10.33 -14.74 -20.01
N GLY C 136 -10.11 -14.23 -21.20
CA GLY C 136 -9.52 -15.02 -22.27
C GLY C 136 -8.08 -15.29 -21.91
N SER C 137 -7.44 -14.33 -21.25
CA SER C 137 -6.05 -14.47 -20.85
C SER C 137 -5.90 -14.28 -19.34
N GLY C 138 -5.26 -15.23 -18.68
CA GLY C 138 -5.07 -15.15 -17.24
C GLY C 138 -3.70 -15.57 -16.75
N ILE C 139 -3.27 -14.97 -15.64
CA ILE C 139 -1.99 -15.28 -15.04
C ILE C 139 -2.23 -15.83 -13.64
N THR C 140 -1.66 -16.99 -13.33
CA THR C 140 -1.84 -17.58 -12.02
C THR C 140 -0.59 -18.20 -11.41
N PHE C 141 -0.54 -18.20 -10.08
CA PHE C 141 0.57 -18.76 -9.33
C PHE C 141 -0.01 -19.55 -8.20
N SER C 142 0.72 -20.53 -7.71
CA SER C 142 0.15 -21.40 -6.71
C SER C 142 1.19 -21.74 -5.64
N ALA C 143 0.69 -22.01 -4.44
CA ALA C 143 1.49 -22.49 -3.32
C ALA C 143 0.72 -23.62 -2.64
N ALA C 144 1.45 -24.66 -2.22
CA ALA C 144 0.84 -25.78 -1.52
C ALA C 144 1.57 -26.08 -0.22
N SER C 145 0.85 -26.67 0.72
CA SER C 145 1.30 -26.92 2.07
C SER C 145 1.04 -28.40 2.40
N GLU C 146 1.87 -29.29 1.84
CA GLU C 146 1.62 -30.74 1.92
C GLU C 146 1.58 -31.33 3.34
N ARG C 147 2.08 -30.57 4.30
CA ARG C 147 2.07 -31.06 5.62
C ARG C 147 0.61 -31.33 5.81
N ASN C 148 -0.22 -30.35 5.46
CA ASN C 148 -1.67 -30.41 5.71
C ASN C 148 -2.67 -30.49 4.53
N ASN C 149 -2.18 -30.63 3.31
CA ASN C 149 -3.07 -30.72 2.13
C ASN C 149 -4.01 -29.52 1.89
N ILE C 150 -3.50 -28.31 2.14
CA ILE C 150 -4.20 -27.04 1.91
C ILE C 150 -3.33 -26.21 0.96
N GLY C 151 -3.95 -25.44 0.06
CA GLY C 151 -3.21 -24.71 -0.96
C GLY C 151 -3.77 -23.33 -1.27
N SER C 152 -2.97 -22.48 -1.91
CA SER C 152 -3.43 -21.16 -2.36
C SER C 152 -3.24 -20.96 -3.86
N ILE C 153 -4.26 -20.39 -4.50
CA ILE C 153 -4.10 -19.85 -5.86
C ILE C 153 -4.16 -18.34 -5.81
N LEU C 154 -3.44 -17.72 -6.73
CA LEU C 154 -3.49 -16.28 -6.94
C LEU C 154 -3.55 -15.97 -8.42
N SER C 155 -4.66 -15.39 -8.85
CA SER C 155 -4.85 -15.12 -10.25
C SER C 155 -4.87 -13.64 -10.58
N ILE C 156 -4.33 -13.33 -11.75
CA ILE C 156 -4.54 -12.02 -12.36
C ILE C 156 -4.94 -12.22 -13.81
N ALA C 157 -6.01 -11.56 -14.22
CA ALA C 157 -6.55 -11.69 -15.57
C ALA C 157 -5.98 -10.62 -16.47
N GLY C 158 -5.65 -10.97 -17.70
CA GLY C 158 -5.11 -10.01 -18.64
C GLY C 158 -3.93 -10.53 -19.45
N ARG C 159 -3.75 -9.99 -20.65
CA ARG C 159 -2.63 -10.37 -21.49
C ARG C 159 -1.37 -9.65 -21.04
N GLU C 160 -1.56 -8.54 -20.33
CA GLU C 160 -0.45 -7.66 -19.97
C GLU C 160 0.42 -8.10 -18.78
N PRO C 161 -0.20 -8.66 -17.71
CA PRO C 161 0.59 -9.24 -16.62
C PRO C 161 1.67 -10.19 -17.09
N GLY C 162 1.36 -11.10 -18.02
CA GLY C 162 2.31 -12.11 -18.46
C GLY C 162 3.44 -11.63 -19.37
N ARG C 163 3.26 -10.47 -19.95
CA ARG C 163 4.26 -9.86 -20.84
C ARG C 163 5.34 -9.13 -20.03
N ASN C 164 5.16 -9.14 -18.71
CA ASN C 164 6.12 -8.54 -17.77
C ASN C 164 6.89 -9.61 -17.02
N ALA C 165 7.90 -10.17 -17.68
CA ALA C 165 8.64 -11.31 -17.15
C ALA C 165 9.18 -11.05 -15.76
N ALA C 166 9.69 -9.85 -15.54
CA ALA C 166 10.28 -9.47 -14.27
C ALA C 166 9.22 -9.60 -13.17
N LEU C 167 8.06 -8.98 -13.40
CA LEU C 167 6.97 -8.94 -12.41
C LEU C 167 6.30 -10.30 -12.25
N VAL C 168 6.27 -11.10 -13.31
CA VAL C 168 5.80 -12.48 -13.10
C VAL C 168 6.64 -13.26 -12.06
N ALA C 169 7.97 -13.15 -12.15
CA ALA C 169 8.84 -13.88 -11.26
C ALA C 169 8.74 -13.35 -9.85
N MET C 170 8.51 -12.05 -9.70
CA MET C 170 8.32 -11.45 -8.38
C MET C 170 7.06 -11.94 -7.69
N LEU C 171 5.94 -11.88 -8.40
CA LEU C 171 4.67 -12.32 -7.86
C LEU C 171 4.70 -13.80 -7.56
N ASN C 172 5.47 -14.54 -8.36
CA ASN C 172 5.57 -15.97 -8.17
C ASN C 172 6.23 -16.35 -6.87
N CYS C 173 7.27 -15.62 -6.45
CA CYS C 173 7.97 -15.90 -5.20
C CYS C 173 7.26 -15.29 -4.02
N LEU C 174 6.32 -14.41 -4.30
CA LEU C 174 5.59 -13.78 -3.22
C LEU C 174 4.46 -14.73 -2.81
N THR C 175 3.96 -15.48 -3.79
CA THR C 175 2.75 -16.31 -3.60
C THR C 175 2.77 -17.10 -2.31
N PRO C 176 3.85 -17.91 -2.10
CA PRO C 176 3.99 -18.81 -0.96
C PRO C 176 3.96 -18.08 0.37
N HIS C 177 4.07 -16.77 0.35
CA HIS C 177 4.03 -15.98 1.57
C HIS C 177 2.66 -15.36 1.73
N LEU C 178 1.97 -15.22 0.62
CA LEU C 178 0.58 -14.87 0.64
C LEU C 178 -0.22 -16.05 1.12
N HIS C 179 0.20 -17.23 0.70
CA HIS C 179 -0.40 -18.48 1.17
C HIS C 179 -0.37 -18.52 2.70
N GLN C 180 0.82 -18.33 3.27
CA GLN C 180 0.97 -18.32 4.71
C GLN C 180 0.10 -17.28 5.38
N ALA C 181 0.05 -16.10 4.78
CA ALA C 181 -0.75 -14.97 5.25
C ALA C 181 -2.23 -15.29 5.24
N ALA C 182 -2.64 -16.02 4.20
CA ALA C 182 -4.04 -16.39 4.01
C ALA C 182 -4.50 -17.36 5.11
N ILE C 183 -3.70 -18.34 5.38
CA ILE C 183 -4.06 -19.28 6.41
C ILE C 183 -4.18 -18.58 7.74
N ARG C 184 -3.35 -17.58 7.97
CA ARG C 184 -3.39 -16.88 9.21
C ARG C 184 -4.72 -16.21 9.35
N VAL C 185 -5.22 -15.61 8.27
CA VAL C 185 -6.51 -14.95 8.37
C VAL C 185 -7.59 -16.00 8.65
N ALA C 186 -7.58 -17.08 7.88
CA ALA C 186 -8.58 -18.15 8.04
C ALA C 186 -8.50 -18.90 9.39
N ASN C 187 -7.28 -19.25 9.80
CA ASN C 187 -7.06 -19.96 11.07
C ASN C 187 -7.85 -21.26 11.22
N LEU C 188 -8.48 -21.40 12.38
CA LEU C 188 -9.36 -22.52 12.70
C LEU C 188 -8.70 -23.89 12.89
N LEU C 198 5.88 -38.49 23.01
CA LEU C 198 5.37 -38.48 24.37
C LEU C 198 4.60 -39.75 24.69
N SER C 199 4.72 -40.22 25.93
CA SER C 199 4.03 -41.44 26.35
C SER C 199 3.80 -41.44 27.86
N GLN C 200 3.02 -42.41 28.34
CA GLN C 200 2.74 -42.52 29.76
C GLN C 200 4.01 -42.59 30.59
N ARG C 201 4.61 -43.78 30.64
CA ARG C 201 5.84 -43.99 31.38
C ARG C 201 6.84 -42.86 31.13
N GLU C 202 7.08 -42.56 29.86
CA GLU C 202 8.00 -41.51 29.48
C GLU C 202 7.60 -40.17 30.09
N TYR C 203 6.30 -39.89 30.08
CA TYR C 203 5.78 -38.65 30.64
C TYR C 203 6.16 -38.51 32.11
N ASP C 204 6.02 -39.59 32.86
CA ASP C 204 6.35 -39.58 34.29
C ASP C 204 7.85 -39.43 34.50
N ILE C 205 8.63 -40.11 33.66
CA ILE C 205 10.08 -40.05 33.76
C ILE C 205 10.62 -38.64 33.49
N PHE C 206 10.02 -37.97 32.51
CA PHE C 206 10.43 -36.60 32.14
C PHE C 206 9.97 -35.50 33.10
N HIS C 207 8.72 -35.63 33.53
CA HIS C 207 8.11 -34.86 34.60
C HIS C 207 9.08 -34.74 35.78
N TRP C 208 9.84 -35.79 36.02
CA TRP C 208 10.74 -35.80 37.15
C TRP C 208 12.10 -35.31 36.70
N MET C 209 12.49 -35.72 35.50
CA MET C 209 13.79 -35.34 34.98
C MET C 209 13.96 -33.86 35.23
N SER C 210 12.84 -33.15 35.09
CA SER C 210 12.83 -31.71 35.03
C SER C 210 12.81 -31.05 36.39
N ARG C 211 12.52 -31.82 37.45
CA ARG C 211 12.49 -31.23 38.79
C ARG C 211 13.81 -31.41 39.51
N GLY C 212 14.82 -31.88 38.79
CA GLY C 212 16.18 -32.00 39.29
C GLY C 212 16.58 -33.42 39.60
N LYS C 213 15.61 -34.33 39.57
CA LYS C 213 15.80 -35.66 40.15
C LYS C 213 16.77 -36.53 39.32
N THR C 214 17.58 -37.34 40.02
CA THR C 214 18.54 -38.25 39.35
C THR C 214 17.84 -39.50 38.85
N ASN C 215 18.56 -40.32 38.08
CA ASN C 215 18.02 -41.57 37.55
C ASN C 215 17.44 -42.47 38.63
N TRP C 216 18.05 -42.38 39.82
CA TRP C 216 17.70 -43.18 40.98
C TRP C 216 16.42 -42.68 41.66
N GLU C 217 16.40 -41.40 42.04
CA GLU C 217 15.21 -40.83 42.68
C GLU C 217 13.93 -41.07 41.88
N ILE C 218 14.09 -41.57 40.65
CA ILE C 218 12.97 -41.83 39.75
C ILE C 218 12.49 -43.29 39.86
N ALA C 219 13.43 -44.23 39.80
CA ALA C 219 13.14 -45.62 40.12
C ALA C 219 12.54 -45.57 41.53
N THR C 220 13.10 -44.71 42.36
CA THR C 220 12.61 -44.58 43.73
C THR C 220 11.17 -44.08 43.77
N ILE C 221 10.87 -43.08 42.95
CA ILE C 221 9.52 -42.52 42.88
C ILE C 221 8.48 -43.37 42.15
N LEU C 222 8.93 -44.02 41.08
CA LEU C 222 8.06 -44.86 40.27
C LEU C 222 8.11 -46.32 40.69
N ASP C 223 8.92 -46.63 41.71
CA ASP C 223 9.06 -48.00 42.17
C ASP C 223 9.53 -48.87 41.00
N ILE C 224 10.43 -48.31 40.20
CA ILE C 224 10.97 -49.00 39.03
C ILE C 224 12.49 -48.98 39.06
N SER C 225 13.10 -50.01 38.47
CA SER C 225 14.56 -50.14 38.45
C SER C 225 15.25 -49.01 37.68
N GLU C 226 16.38 -48.57 38.20
CA GLU C 226 17.19 -47.52 37.59
C GLU C 226 17.66 -48.01 36.22
N ARG C 227 17.41 -49.29 35.94
CA ARG C 227 17.65 -49.86 34.61
C ARG C 227 16.49 -49.47 33.68
N THR C 228 15.26 -49.79 34.08
CA THR C 228 14.08 -49.48 33.27
C THR C 228 13.91 -47.95 33.05
N VAL C 229 14.44 -47.16 33.98
CA VAL C 229 14.38 -45.70 33.89
C VAL C 229 15.45 -45.14 32.95
N LYS C 230 16.70 -45.58 33.10
CA LYS C 230 17.80 -45.16 32.22
C LYS C 230 17.47 -45.41 30.75
N PHE C 231 16.57 -46.38 30.50
CA PHE C 231 16.15 -46.68 29.15
C PHE C 231 15.16 -45.63 28.67
N HIS C 232 14.19 -45.31 29.51
CA HIS C 232 13.17 -44.31 29.16
C HIS C 232 13.76 -42.92 28.90
N VAL C 233 14.64 -42.48 29.79
CA VAL C 233 15.34 -41.20 29.66
C VAL C 233 15.95 -41.06 28.28
N ALA C 234 16.58 -42.13 27.79
CA ALA C 234 17.26 -42.09 26.51
C ALA C 234 16.28 -42.03 25.32
N ASN C 235 15.10 -42.61 25.53
CA ASN C 235 14.00 -42.52 24.59
C ASN C 235 13.39 -41.14 24.44
N VAL C 236 13.11 -40.47 25.56
CA VAL C 236 12.54 -39.13 25.49
C VAL C 236 13.40 -38.10 24.77
N ILE C 237 14.70 -38.11 25.04
CA ILE C 237 15.60 -37.16 24.41
C ILE C 237 15.64 -37.47 22.92
N ARG C 238 15.58 -38.76 22.58
CA ARG C 238 15.60 -39.18 21.19
C ARG C 238 14.39 -38.60 20.46
N LYS C 239 13.25 -38.63 21.14
CA LYS C 239 12.01 -38.12 20.59
C LYS C 239 11.94 -36.60 20.46
N LEU C 240 12.53 -35.90 21.41
CA LEU C 240 12.53 -34.43 21.39
C LEU C 240 13.70 -33.79 20.64
N ASN C 241 14.58 -34.61 20.08
CA ASN C 241 15.74 -34.11 19.34
C ASN C 241 16.76 -33.37 20.21
N ALA C 242 17.05 -33.94 21.38
CA ALA C 242 17.99 -33.32 22.31
C ALA C 242 19.39 -33.96 22.30
N ASN C 243 20.39 -33.16 22.61
CA ASN C 243 21.76 -33.63 22.67
C ASN C 243 21.99 -34.46 23.93
N ASN C 244 21.71 -33.83 25.07
CA ASN C 244 21.90 -34.44 26.38
C ASN C 244 20.62 -34.48 27.23
N ARG C 245 20.79 -34.75 28.53
CA ARG C 245 19.68 -34.92 29.44
C ARG C 245 19.23 -33.57 29.97
N THR C 246 20.05 -32.55 29.76
CA THR C 246 19.78 -31.23 30.33
C THR C 246 19.58 -30.21 29.22
N HIS C 247 19.09 -30.72 28.11
CA HIS C 247 18.83 -29.93 26.91
C HIS C 247 17.56 -30.53 26.34
N ALA C 248 17.28 -31.79 26.70
CA ALA C 248 15.95 -32.36 26.51
C ALA C 248 15.03 -31.76 27.56
N ILE C 249 15.52 -31.58 28.78
CA ILE C 249 14.77 -30.91 29.83
C ILE C 249 14.24 -29.57 29.35
N VAL C 250 15.11 -28.82 28.68
CA VAL C 250 14.78 -27.48 28.17
C VAL C 250 13.87 -27.48 26.93
N LEU C 251 14.25 -28.22 25.90
CA LEU C 251 13.45 -28.26 24.69
C LEU C 251 12.00 -28.53 25.08
N GLY C 252 11.81 -29.45 26.01
CA GLY C 252 10.49 -29.99 26.31
C GLY C 252 9.68 -29.38 27.45
N MET C 253 10.20 -28.32 28.07
CA MET C 253 9.49 -27.67 29.17
C MET C 253 8.13 -27.15 28.73
N HIS C 254 8.02 -26.77 27.46
CA HIS C 254 6.77 -26.25 26.92
C HIS C 254 5.70 -27.32 26.90
N LEU C 255 6.12 -28.57 26.74
CA LEU C 255 5.19 -29.70 26.70
C LEU C 255 4.58 -29.95 28.07
N ALA C 256 5.30 -29.58 29.13
CA ALA C 256 4.81 -29.77 30.49
C ALA C 256 3.91 -28.62 30.92
N MET C 257 4.29 -27.40 30.53
CA MET C 257 3.51 -26.22 30.89
C MET C 257 2.04 -26.39 30.50
N PRO C 258 1.80 -26.78 29.26
CA PRO C 258 0.44 -26.97 28.76
C PRO C 258 -0.09 -28.37 29.09
N ARG D 10 5.89 -2.37 11.56
CA ARG D 10 6.65 -3.49 12.10
C ARG D 10 7.90 -3.77 11.28
N PRO D 11 7.83 -3.48 9.98
CA PRO D 11 8.96 -3.70 9.08
C PRO D 11 10.14 -2.80 9.43
N LEU D 12 11.36 -3.34 9.32
CA LEU D 12 12.57 -2.59 9.63
C LEU D 12 13.58 -2.69 8.51
N PRO D 13 13.33 -2.00 7.40
CA PRO D 13 14.24 -2.02 6.26
C PRO D 13 15.58 -1.38 6.60
N ALA D 14 16.67 -1.95 6.08
CA ALA D 14 18.00 -1.43 6.35
C ALA D 14 18.81 -1.25 5.07
N GLY D 15 19.78 -0.35 5.12
CA GLY D 15 20.65 -0.06 3.98
C GLY D 15 21.67 -1.18 3.97
N LEU D 16 22.06 -1.71 2.81
CA LEU D 16 22.94 -2.85 2.86
C LEU D 16 23.75 -3.25 1.64
N THR D 17 24.73 -4.12 1.87
CA THR D 17 25.57 -4.63 0.80
C THR D 17 24.69 -5.52 -0.06
N ALA D 18 25.02 -5.64 -1.34
CA ALA D 18 24.21 -6.40 -2.28
C ALA D 18 24.10 -7.87 -1.98
N SER D 19 25.23 -8.50 -1.66
CA SER D 19 25.22 -9.91 -1.32
C SER D 19 24.48 -10.09 -0.02
N GLN D 20 24.67 -9.13 0.86
CA GLN D 20 24.11 -9.17 2.20
C GLN D 20 22.61 -9.11 2.07
N GLN D 21 22.18 -8.28 1.14
CA GLN D 21 20.78 -8.06 0.93
C GLN D 21 20.14 -9.25 0.24
N TRP D 22 20.86 -9.90 -0.68
CA TRP D 22 20.32 -11.10 -1.28
C TRP D 22 20.15 -12.23 -0.26
N THR D 23 21.10 -12.30 0.66
CA THR D 23 21.13 -13.33 1.69
C THR D 23 19.99 -13.19 2.70
N LEU D 24 19.69 -11.95 3.06
CA LEU D 24 18.56 -11.64 3.92
C LEU D 24 17.27 -12.05 3.22
N LEU D 25 17.22 -11.80 1.91
CA LEU D 25 16.07 -12.18 1.12
C LEU D 25 15.90 -13.68 1.20
N GLU D 26 16.99 -14.41 1.04
CA GLU D 26 16.95 -15.84 1.22
C GLU D 26 16.33 -16.25 2.56
N TRP D 27 16.85 -15.67 3.64
CA TRP D 27 16.41 -15.99 5.00
C TRP D 27 14.91 -15.75 5.25
N ILE D 28 14.43 -14.60 4.80
CA ILE D 28 13.01 -14.31 4.93
C ILE D 28 12.17 -15.28 4.07
N HIS D 29 12.68 -15.59 2.90
CA HIS D 29 11.96 -16.47 1.99
C HIS D 29 11.83 -17.85 2.61
N MET D 30 12.95 -18.42 3.05
CA MET D 30 12.89 -19.75 3.65
C MET D 30 12.09 -19.75 4.96
N ALA D 31 12.22 -18.69 5.76
CA ALA D 31 11.47 -18.56 7.01
C ALA D 31 9.93 -18.52 6.80
N GLY D 32 9.48 -18.41 5.56
CA GLY D 32 8.06 -18.30 5.29
C GLY D 32 7.57 -19.64 4.81
N HIS D 33 8.49 -20.60 4.87
CA HIS D 33 8.23 -21.95 4.42
C HIS D 33 8.34 -22.98 5.55
N ILE D 34 8.73 -22.52 6.73
CA ILE D 34 9.00 -23.42 7.82
C ILE D 34 7.72 -23.86 8.47
N GLU D 35 7.43 -25.17 8.36
CA GLU D 35 6.28 -25.81 9.02
C GLU D 35 6.72 -26.73 10.18
N THR D 36 7.54 -27.72 9.82
CA THR D 36 7.99 -28.75 10.75
C THR D 36 9.07 -28.21 11.65
N GLU D 37 9.35 -28.96 12.70
CA GLU D 37 10.28 -28.53 13.75
C GLU D 37 11.71 -28.80 13.32
N ASN D 38 11.88 -29.83 12.50
CA ASN D 38 13.17 -30.19 11.94
C ASN D 38 13.63 -29.16 10.94
N GLU D 39 12.67 -28.58 10.22
CA GLU D 39 12.93 -27.52 9.28
C GLU D 39 13.44 -26.29 10.02
N LEU D 40 12.85 -26.00 11.17
CA LEU D 40 13.28 -24.85 11.99
C LEU D 40 14.68 -25.07 12.52
N LYS D 41 14.91 -26.20 13.16
CA LYS D 41 16.22 -26.61 13.62
C LYS D 41 17.28 -26.37 12.54
N ALA D 42 17.20 -27.11 11.46
CA ALA D 42 18.12 -26.99 10.31
C ALA D 42 18.42 -25.56 9.86
N PHE D 43 17.37 -24.74 9.70
CA PHE D 43 17.48 -23.35 9.21
C PHE D 43 18.25 -22.43 10.16
N LEU D 44 17.95 -22.50 11.44
CA LEU D 44 18.71 -21.80 12.47
C LEU D 44 20.20 -22.22 12.52
N ASP D 45 20.55 -23.35 11.92
CA ASP D 45 21.94 -23.70 11.77
C ASP D 45 22.63 -22.89 10.67
N GLN D 46 22.14 -22.96 9.42
CA GLN D 46 22.68 -22.17 8.31
C GLN D 46 22.66 -20.68 8.59
N VAL D 47 21.91 -20.27 9.60
CA VAL D 47 21.89 -18.88 10.03
C VAL D 47 23.07 -18.65 10.98
N LEU D 48 23.21 -19.53 11.98
CA LEU D 48 24.26 -19.39 13.00
C LEU D 48 25.65 -19.87 12.54
N SER D 49 25.81 -20.05 11.23
CA SER D 49 27.10 -20.37 10.62
C SER D 49 27.79 -19.28 9.77
N GLN D 50 27.01 -18.25 9.41
CA GLN D 50 27.52 -16.92 9.01
C GLN D 50 27.39 -15.95 10.20
N ALA D 51 27.59 -16.48 11.40
CA ALA D 51 27.32 -15.79 12.65
C ALA D 51 28.51 -16.05 13.60
N PRO D 52 29.15 -14.99 14.06
CA PRO D 52 30.29 -15.11 14.97
C PRO D 52 29.87 -15.61 16.34
N SER D 53 29.39 -16.85 16.40
CA SER D 53 28.96 -17.45 17.67
C SER D 53 28.31 -18.82 17.43
N GLU D 54 28.26 -19.61 18.49
CA GLU D 54 27.68 -20.95 18.42
C GLU D 54 26.74 -21.22 19.59
N ARG D 55 26.26 -20.14 20.21
CA ARG D 55 25.36 -20.27 21.35
C ARG D 55 24.21 -19.27 21.25
N LEU D 56 23.09 -19.72 20.70
CA LEU D 56 21.91 -18.87 20.54
C LEU D 56 20.67 -19.54 21.12
N LEU D 57 19.58 -18.79 21.18
CA LEU D 57 18.32 -19.31 21.70
C LEU D 57 17.08 -18.81 20.97
N LEU D 58 16.08 -19.67 20.83
CA LEU D 58 14.82 -19.27 20.20
C LEU D 58 13.69 -19.63 21.15
N ALA D 59 12.92 -18.64 21.59
CA ALA D 59 11.86 -18.91 22.55
C ALA D 59 10.57 -18.11 22.32
N LEU D 60 9.43 -18.79 22.48
CA LEU D 60 8.12 -18.11 22.50
C LEU D 60 7.82 -17.82 23.96
N GLY D 61 7.02 -16.79 24.21
CA GLY D 61 6.57 -16.50 25.55
C GLY D 61 5.29 -15.70 25.59
N ARG D 62 4.50 -15.89 26.65
CA ARG D 62 3.27 -15.11 26.81
C ARG D 62 3.55 -13.66 27.18
N LEU D 63 2.83 -12.74 26.57
CA LEU D 63 3.07 -11.32 26.82
C LEU D 63 2.11 -10.48 27.65
N ASN D 64 2.73 -9.58 28.39
CA ASN D 64 2.05 -8.64 29.26
C ASN D 64 1.74 -7.54 28.26
N ASN D 65 0.88 -6.61 28.64
CA ASN D 65 0.53 -5.52 27.75
C ASN D 65 1.70 -4.66 27.28
N GLN D 66 2.67 -4.40 28.14
CA GLN D 66 3.79 -3.57 27.74
C GLN D 66 4.76 -4.42 26.92
N ASN D 67 4.37 -5.67 26.70
CA ASN D 67 5.09 -6.60 25.85
C ASN D 67 6.30 -7.08 26.60
N GLN D 68 6.18 -7.25 27.91
CA GLN D 68 7.16 -8.04 28.65
C GLN D 68 6.71 -9.49 28.70
N ILE D 69 7.66 -10.41 28.86
CA ILE D 69 7.33 -11.83 28.91
C ILE D 69 6.99 -12.04 30.38
N GLN D 70 6.06 -12.94 30.65
CA GLN D 70 5.82 -13.38 32.01
C GLN D 70 6.14 -14.86 32.21
N ARG D 71 5.52 -15.70 31.41
CA ARG D 71 5.86 -17.12 31.42
C ARG D 71 6.45 -17.46 30.08
N LEU D 72 7.28 -18.50 30.04
CA LEU D 72 7.76 -18.98 28.76
C LEU D 72 6.83 -20.07 28.26
N GLU D 73 6.64 -20.11 26.95
CA GLU D 73 5.79 -21.12 26.38
C GLU D 73 6.61 -22.33 26.01
N ARG D 74 7.42 -22.16 24.98
CA ARG D 74 8.23 -23.21 24.46
C ARG D 74 9.61 -22.62 24.17
N VAL D 75 10.61 -23.48 24.19
CA VAL D 75 11.90 -23.07 23.72
C VAL D 75 12.34 -24.12 22.72
N LEU D 76 12.76 -23.67 21.53
CA LEU D 76 13.31 -24.61 20.56
C LEU D 76 14.69 -24.13 20.08
N ASN D 77 15.66 -24.15 20.98
CA ASN D 77 17.05 -23.77 20.67
C ASN D 77 18.02 -24.65 21.45
N VAL D 78 19.15 -24.99 20.85
CA VAL D 78 20.17 -25.82 21.50
C VAL D 78 21.60 -25.33 21.75
N SER D 79 21.91 -24.11 21.31
CA SER D 79 23.27 -23.56 21.41
C SER D 79 23.89 -23.33 22.80
N TYR D 80 23.11 -22.83 23.75
CA TYR D 80 23.62 -22.51 25.09
C TYR D 80 24.34 -23.69 25.75
N PRO D 81 25.46 -23.39 26.43
CA PRO D 81 26.23 -24.39 27.18
C PRO D 81 25.34 -25.08 28.21
N SER D 82 25.33 -26.41 28.21
CA SER D 82 24.37 -27.14 29.03
C SER D 82 24.70 -27.06 30.50
N ASP D 83 25.74 -26.32 30.85
CA ASP D 83 26.14 -26.15 32.25
C ASP D 83 25.48 -24.90 32.76
N TRP D 84 25.49 -23.86 31.93
CA TRP D 84 24.77 -22.62 32.17
C TRP D 84 23.26 -22.87 32.18
N LEU D 85 22.83 -23.92 31.49
CA LEU D 85 21.41 -24.28 31.51
C LEU D 85 21.07 -24.87 32.86
N ASP D 86 21.77 -25.94 33.23
CA ASP D 86 21.61 -26.58 34.54
C ASP D 86 21.51 -25.55 35.64
N GLN D 87 22.51 -24.69 35.71
CA GLN D 87 22.55 -23.62 36.69
C GLN D 87 21.46 -22.54 36.56
N TYR D 88 21.07 -22.17 35.34
CA TYR D 88 20.04 -21.15 35.11
C TYR D 88 18.74 -21.64 35.75
N MET D 89 18.45 -22.92 35.54
CA MET D 89 17.29 -23.54 36.12
C MET D 89 17.39 -23.58 37.64
N LYS D 90 18.40 -24.32 38.15
CA LYS D 90 18.63 -24.49 39.60
C LYS D 90 18.50 -23.20 40.43
N GLU D 91 19.28 -22.19 40.08
CA GLU D 91 19.26 -20.92 40.79
C GLU D 91 18.00 -20.10 40.50
N ASN D 92 17.23 -20.53 39.51
CA ASN D 92 16.07 -19.77 39.07
C ASN D 92 16.43 -18.33 38.73
N TYR D 93 17.42 -18.18 37.87
CA TYR D 93 17.87 -16.87 37.42
C TYR D 93 16.80 -16.24 36.58
N ALA D 94 15.85 -17.07 36.14
CA ALA D 94 14.79 -16.66 35.25
C ALA D 94 14.16 -15.33 35.69
N GLN D 95 14.11 -15.13 37.01
CA GLN D 95 13.47 -13.95 37.59
C GLN D 95 14.51 -12.83 37.64
N HIS D 96 15.78 -13.21 37.86
CA HIS D 96 16.90 -12.29 38.02
C HIS D 96 17.63 -11.99 36.71
N ASP D 97 17.13 -12.50 35.60
CA ASP D 97 17.66 -12.11 34.31
C ASP D 97 17.03 -10.85 33.75
N PRO D 98 17.85 -9.78 33.58
CA PRO D 98 17.42 -8.45 33.14
C PRO D 98 17.00 -8.44 31.68
N ILE D 99 17.23 -9.55 30.97
CA ILE D 99 16.91 -9.65 29.55
C ILE D 99 15.46 -10.05 29.37
N LEU D 100 14.92 -10.88 30.27
CA LEU D 100 13.53 -11.31 30.14
C LEU D 100 12.61 -10.13 30.45
N ARG D 101 13.22 -8.99 30.76
CA ARG D 101 12.47 -7.80 31.09
C ARG D 101 12.32 -6.81 29.93
N ILE D 102 12.93 -7.13 28.78
CA ILE D 102 12.78 -6.27 27.62
C ILE D 102 11.30 -6.15 27.34
N HIS D 103 10.94 -5.09 26.63
CA HIS D 103 9.64 -5.03 26.01
C HIS D 103 9.88 -5.49 24.58
N LEU D 104 9.13 -6.51 24.18
CA LEU D 104 9.42 -7.27 22.97
C LEU D 104 8.99 -6.61 21.67
N GLY D 105 9.70 -6.95 20.60
CA GLY D 105 9.41 -6.40 19.29
C GLY D 105 9.80 -4.95 19.06
N GLN D 106 10.74 -4.46 19.86
CA GLN D 106 11.21 -3.08 19.74
C GLN D 106 12.72 -3.03 19.54
N GLY D 107 13.16 -3.26 18.30
CA GLY D 107 14.57 -3.23 17.98
C GLY D 107 15.36 -4.27 18.76
N PRO D 108 16.68 -4.25 18.59
CA PRO D 108 17.56 -5.18 19.28
C PRO D 108 17.95 -4.68 20.68
N VAL D 109 18.79 -5.44 21.37
CA VAL D 109 19.23 -5.07 22.71
C VAL D 109 20.56 -5.74 23.06
N MET D 110 21.59 -4.93 23.26
CA MET D 110 22.91 -5.44 23.61
C MET D 110 22.98 -5.84 25.09
N TRP D 111 23.62 -6.96 25.36
CA TRP D 111 23.75 -7.45 26.73
C TRP D 111 24.62 -6.51 27.54
N GLU D 112 25.83 -6.22 27.05
CA GLU D 112 26.72 -5.30 27.74
C GLU D 112 25.96 -4.02 28.17
N GLU D 113 25.40 -3.29 27.22
CA GLU D 113 24.69 -2.02 27.50
C GLU D 113 23.57 -2.18 28.54
N ARG D 114 22.96 -3.36 28.58
CA ARG D 114 21.85 -3.63 29.49
C ARG D 114 22.32 -4.27 30.81
N PHE D 115 23.63 -4.43 30.95
CA PHE D 115 24.19 -5.00 32.17
C PHE D 115 24.87 -3.94 33.06
N ASN D 116 25.32 -2.84 32.46
CA ASN D 116 25.92 -1.74 33.19
C ASN D 116 24.88 -0.80 33.78
N ARG D 117 23.61 -1.04 33.47
CA ARG D 117 22.55 -0.15 33.92
C ARG D 117 21.51 -0.85 34.80
N ALA D 118 21.72 -2.15 35.03
CA ALA D 118 20.96 -2.91 36.02
C ALA D 118 21.62 -2.70 37.38
N LYS D 119 20.85 -2.21 38.34
CA LYS D 119 21.42 -1.75 39.60
C LYS D 119 20.90 -2.47 40.86
N GLY D 120 20.18 -3.58 40.65
CA GLY D 120 19.77 -4.45 41.74
C GLY D 120 20.90 -5.38 42.16
N ALA D 121 20.80 -5.97 43.34
CA ALA D 121 21.84 -6.84 43.88
C ALA D 121 21.69 -8.27 43.39
N GLU D 122 20.45 -8.71 43.23
CA GLU D 122 20.14 -10.03 42.65
C GLU D 122 20.52 -10.01 41.16
N GLU D 123 20.34 -8.84 40.55
CA GLU D 123 20.70 -8.65 39.15
C GLU D 123 22.21 -8.62 38.96
N LYS D 124 22.89 -7.69 39.65
CA LYS D 124 24.38 -7.55 39.56
C LYS D 124 25.11 -8.85 39.92
N ARG D 125 24.41 -9.71 40.67
CA ARG D 125 24.92 -11.01 41.06
C ARG D 125 24.80 -12.04 39.92
N PHE D 126 23.64 -12.06 39.27
CA PHE D 126 23.41 -12.89 38.08
C PHE D 126 24.34 -12.48 36.93
N ILE D 127 24.32 -11.19 36.61
CA ILE D 127 25.22 -10.59 35.63
C ILE D 127 26.65 -11.11 35.71
N ALA D 128 27.17 -11.17 36.95
CA ALA D 128 28.53 -11.58 37.21
C ALA D 128 28.73 -13.08 36.99
N GLU D 129 27.74 -13.87 37.43
CA GLU D 129 27.76 -15.31 37.24
C GLU D 129 27.69 -15.69 35.76
N ALA D 130 26.94 -14.87 35.00
CA ALA D 130 26.87 -14.99 33.55
C ALA D 130 28.24 -14.73 32.92
N THR D 131 28.94 -13.71 33.42
CA THR D 131 30.24 -13.29 32.88
C THR D 131 31.34 -14.34 33.01
N GLN D 132 31.09 -15.36 33.82
CA GLN D 132 32.04 -16.47 33.90
C GLN D 132 31.71 -17.48 32.80
N ASN D 133 30.41 -17.65 32.53
CA ASN D 133 29.99 -18.69 31.60
C ASN D 133 29.87 -18.18 30.18
N GLY D 134 30.49 -17.04 29.89
CA GLY D 134 30.56 -16.50 28.53
C GLY D 134 29.42 -15.55 28.19
N MET D 135 28.40 -15.54 29.04
CA MET D 135 27.19 -14.76 28.81
C MET D 135 27.34 -13.34 29.34
N GLY D 136 28.58 -12.86 29.41
CA GLY D 136 28.80 -11.51 29.82
C GLY D 136 28.24 -10.57 28.77
N SER D 137 28.35 -10.99 27.51
CA SER D 137 27.85 -10.19 26.40
C SER D 137 26.82 -10.97 25.57
N GLY D 138 26.28 -10.32 24.54
CA GLY D 138 25.30 -10.95 23.68
C GLY D 138 24.20 -9.99 23.27
N ILE D 139 23.46 -10.36 22.23
CA ILE D 139 22.37 -9.54 21.73
C ILE D 139 21.06 -10.32 21.66
N THR D 140 19.94 -9.62 21.78
CA THR D 140 18.63 -10.25 21.74
C THR D 140 17.63 -9.41 20.93
N PHE D 141 17.11 -10.03 19.87
CA PHE D 141 16.10 -9.38 19.03
C PHE D 141 14.76 -9.96 19.43
N SER D 142 13.70 -9.21 19.18
CA SER D 142 12.40 -9.58 19.66
C SER D 142 11.31 -9.24 18.65
N ALA D 143 10.27 -10.05 18.64
CA ALA D 143 9.08 -9.81 17.81
C ALA D 143 7.86 -10.07 18.69
N ALA D 144 6.83 -9.26 18.53
CA ALA D 144 5.63 -9.46 19.32
C ALA D 144 4.37 -9.44 18.42
N SER D 145 3.28 -10.03 18.92
CA SER D 145 2.09 -10.30 18.12
C SER D 145 0.89 -9.87 18.95
N GLU D 146 0.68 -8.56 19.03
CA GLU D 146 -0.30 -8.00 19.96
C GLU D 146 -1.74 -8.42 19.70
N ARG D 147 -2.01 -8.89 18.50
CA ARG D 147 -3.32 -9.43 18.22
C ARG D 147 -3.70 -10.37 19.36
N ASN D 148 -2.69 -11.04 19.93
CA ASN D 148 -2.94 -11.92 21.07
C ASN D 148 -1.72 -12.18 21.94
N ASN D 149 -1.03 -11.12 22.32
CA ASN D 149 -0.07 -11.23 23.40
C ASN D 149 0.73 -12.55 23.46
N ILE D 150 1.47 -12.79 22.37
CA ILE D 150 2.47 -13.84 22.25
C ILE D 150 3.70 -13.20 21.61
N GLY D 151 4.91 -13.56 22.07
CA GLY D 151 6.12 -12.94 21.55
C GLY D 151 7.34 -13.83 21.36
N SER D 152 8.26 -13.42 20.48
CA SER D 152 9.50 -14.18 20.25
C SER D 152 10.73 -13.43 20.74
N ILE D 153 11.65 -14.18 21.37
CA ILE D 153 12.99 -13.70 21.61
C ILE D 153 13.99 -14.54 20.84
N LEU D 154 15.05 -13.91 20.35
CA LEU D 154 16.12 -14.63 19.70
C LEU D 154 17.43 -14.08 20.21
N SER D 155 18.21 -14.90 20.89
CA SER D 155 19.44 -14.44 21.47
C SER D 155 20.62 -15.07 20.79
N ILE D 156 21.70 -14.31 20.69
CA ILE D 156 23.04 -14.84 20.43
C ILE D 156 24.03 -14.28 21.45
N ALA D 157 24.82 -15.16 22.05
CA ALA D 157 25.76 -14.74 23.09
C ALA D 157 27.16 -14.44 22.48
N GLY D 158 27.82 -13.37 22.93
CA GLY D 158 29.14 -13.07 22.43
C GLY D 158 29.32 -11.58 22.19
N ARG D 159 30.58 -11.12 22.25
CA ARG D 159 30.90 -9.73 21.94
C ARG D 159 30.99 -9.51 20.45
N GLU D 160 31.20 -10.60 19.71
CA GLU D 160 31.45 -10.51 18.27
C GLU D 160 30.20 -10.30 17.39
N PRO D 161 29.08 -10.96 17.71
CA PRO D 161 27.84 -10.68 16.98
C PRO D 161 27.50 -9.20 16.88
N GLY D 162 27.66 -8.44 17.96
CA GLY D 162 27.25 -7.03 17.98
C GLY D 162 28.17 -6.04 17.28
N ARG D 163 29.40 -6.47 17.03
CA ARG D 163 30.41 -5.67 16.33
C ARG D 163 30.23 -5.77 14.81
N ASN D 164 29.24 -6.55 14.39
CA ASN D 164 28.92 -6.73 12.97
C ASN D 164 27.60 -6.03 12.63
N ALA D 165 27.65 -4.71 12.49
CA ALA D 165 26.43 -3.91 12.37
C ALA D 165 25.51 -4.36 11.22
N ALA D 166 26.14 -4.85 10.15
CA ALA D 166 25.40 -5.27 8.97
C ALA D 166 24.55 -6.45 9.39
N LEU D 167 25.21 -7.46 9.94
CA LEU D 167 24.56 -8.70 10.36
C LEU D 167 23.56 -8.50 11.49
N VAL D 168 23.83 -7.60 12.43
CA VAL D 168 22.78 -7.26 13.37
C VAL D 168 21.48 -6.79 12.70
N ALA D 169 21.58 -5.92 11.70
CA ALA D 169 20.36 -5.39 11.10
C ALA D 169 19.64 -6.48 10.30
N MET D 170 20.40 -7.41 9.74
CA MET D 170 19.82 -8.55 9.02
C MET D 170 19.04 -9.47 9.96
N LEU D 171 19.68 -9.91 11.03
CA LEU D 171 19.02 -10.77 11.98
C LEU D 171 17.84 -10.07 12.60
N ASN D 172 17.92 -8.75 12.71
CA ASN D 172 16.82 -8.04 13.33
C ASN D 172 15.51 -8.02 12.49
N CYS D 173 15.65 -8.03 11.17
CA CYS D 173 14.49 -8.04 10.31
C CYS D 173 14.06 -9.44 10.01
N LEU D 174 14.91 -10.40 10.34
CA LEU D 174 14.57 -11.78 10.18
C LEU D 174 13.69 -12.24 11.33
N THR D 175 13.96 -11.70 12.51
CA THR D 175 13.29 -12.11 13.74
C THR D 175 11.78 -12.29 13.61
N PRO D 176 11.05 -11.24 13.17
CA PRO D 176 9.58 -11.29 13.08
C PRO D 176 9.07 -12.36 12.12
N HIS D 177 9.95 -12.98 11.35
CA HIS D 177 9.58 -14.05 10.45
C HIS D 177 9.90 -15.40 11.04
N LEU D 178 10.87 -15.41 11.94
CA LEU D 178 11.13 -16.55 12.83
C LEU D 178 10.03 -16.67 13.87
N HIS D 179 9.54 -15.53 14.36
CA HIS D 179 8.38 -15.51 15.25
C HIS D 179 7.19 -16.22 14.62
N GLN D 180 6.87 -15.87 13.38
CA GLN D 180 5.73 -16.52 12.73
C GLN D 180 5.95 -18.02 12.57
N ALA D 181 7.14 -18.38 12.10
CA ALA D 181 7.48 -19.79 11.90
C ALA D 181 7.50 -20.54 13.22
N ALA D 182 8.07 -19.90 14.24
CA ALA D 182 8.15 -20.50 15.57
C ALA D 182 6.76 -20.72 16.15
N ILE D 183 5.84 -19.82 15.87
CA ILE D 183 4.48 -20.01 16.27
C ILE D 183 3.84 -21.18 15.52
N ARG D 184 4.21 -21.36 14.27
CA ARG D 184 3.68 -22.44 13.45
C ARG D 184 3.80 -23.77 14.16
N VAL D 185 5.02 -24.13 14.55
CA VAL D 185 5.27 -25.39 15.25
C VAL D 185 4.57 -25.42 16.60
N ALA D 186 3.94 -26.55 16.90
CA ALA D 186 3.24 -26.71 18.17
C ALA D 186 1.93 -25.91 18.18
N ASN D 187 2.04 -24.61 17.95
CA ASN D 187 0.88 -23.73 17.94
C ASN D 187 0.09 -23.76 19.25
N LEU D 188 -1.23 -23.92 19.14
CA LEU D 188 -2.09 -23.97 20.31
C LEU D 188 -3.55 -23.70 19.94
N PRO D 197 -17.92 -11.40 11.26
CA PRO D 197 -19.33 -11.63 10.95
C PRO D 197 -20.18 -11.68 12.22
N LEU D 198 -21.47 -11.42 12.07
CA LEU D 198 -22.39 -11.43 13.21
C LEU D 198 -23.84 -11.45 12.73
N SER D 199 -24.76 -11.18 13.66
CA SER D 199 -26.19 -11.16 13.34
C SER D 199 -26.71 -12.40 12.62
N GLN D 200 -26.75 -13.55 13.30
CA GLN D 200 -27.20 -14.79 12.68
C GLN D 200 -28.57 -14.73 11.98
N ARG D 201 -29.44 -13.85 12.46
CA ARG D 201 -30.75 -13.66 11.83
C ARG D 201 -30.51 -13.15 10.41
N GLU D 202 -29.55 -12.24 10.26
CA GLU D 202 -29.17 -11.68 8.97
C GLU D 202 -28.60 -12.77 8.07
N TYR D 203 -27.84 -13.66 8.71
CA TYR D 203 -27.19 -14.79 8.10
C TYR D 203 -28.24 -15.72 7.49
N ASP D 204 -29.39 -15.84 8.15
CA ASP D 204 -30.44 -16.68 7.57
C ASP D 204 -30.65 -16.02 6.22
N ILE D 205 -30.63 -14.69 6.24
CA ILE D 205 -30.66 -13.84 5.06
C ILE D 205 -29.60 -14.27 4.02
N PHE D 206 -28.32 -14.20 4.42
CA PHE D 206 -27.18 -14.54 3.56
C PHE D 206 -27.16 -15.99 3.10
N HIS D 207 -27.58 -16.86 4.03
CA HIS D 207 -27.79 -18.28 3.79
C HIS D 207 -28.64 -18.49 2.54
N TRP D 208 -29.59 -17.58 2.32
CA TRP D 208 -30.44 -17.68 1.15
C TRP D 208 -29.89 -16.89 -0.01
N MET D 209 -29.29 -15.75 0.30
CA MET D 209 -28.71 -14.92 -0.73
C MET D 209 -27.89 -15.80 -1.63
N SER D 210 -27.23 -16.77 -1.01
CA SER D 210 -26.20 -17.57 -1.65
C SER D 210 -26.78 -18.74 -2.45
N ARG D 211 -28.06 -19.06 -2.24
CA ARG D 211 -28.71 -20.16 -2.95
C ARG D 211 -29.43 -19.71 -4.23
N GLY D 212 -29.27 -18.43 -4.58
CA GLY D 212 -29.82 -17.90 -5.81
C GLY D 212 -31.03 -17.02 -5.58
N LYS D 213 -31.56 -17.04 -4.36
CA LYS D 213 -32.86 -16.46 -4.06
C LYS D 213 -32.90 -14.92 -4.11
N THR D 214 -33.98 -14.36 -4.67
CA THR D 214 -34.15 -12.90 -4.74
C THR D 214 -34.60 -12.31 -3.40
N ASN D 215 -34.64 -10.98 -3.34
CA ASN D 215 -35.01 -10.28 -2.12
C ASN D 215 -36.39 -10.69 -1.64
N TRP D 216 -37.23 -11.07 -2.60
CA TRP D 216 -38.61 -11.47 -2.34
C TRP D 216 -38.70 -12.90 -1.80
N GLU D 217 -38.09 -13.85 -2.50
CA GLU D 217 -38.14 -15.25 -2.12
C GLU D 217 -37.52 -15.49 -0.74
N ILE D 218 -36.38 -14.85 -0.48
CA ILE D 218 -35.73 -15.00 0.81
C ILE D 218 -36.67 -14.45 1.88
N ALA D 219 -37.30 -13.32 1.57
CA ALA D 219 -38.24 -12.68 2.48
C ALA D 219 -39.46 -13.52 2.83
N THR D 220 -40.05 -14.16 1.83
CA THR D 220 -41.24 -14.98 2.05
C THR D 220 -40.96 -16.15 2.99
N ILE D 221 -39.83 -16.82 2.78
CA ILE D 221 -39.45 -17.93 3.64
C ILE D 221 -39.30 -17.34 5.04
N LEU D 222 -38.67 -16.19 5.10
CA LEU D 222 -38.44 -15.45 6.33
C LEU D 222 -39.75 -15.00 6.97
N ASP D 223 -40.70 -14.58 6.14
CA ASP D 223 -41.96 -14.06 6.63
C ASP D 223 -41.78 -12.58 6.96
N ILE D 224 -40.63 -12.06 6.58
CA ILE D 224 -40.27 -10.66 6.79
C ILE D 224 -40.45 -9.89 5.48
N SER D 225 -40.93 -8.65 5.59
CA SER D 225 -41.17 -7.83 4.41
C SER D 225 -39.91 -7.56 3.61
N GLU D 226 -40.04 -7.59 2.28
CA GLU D 226 -38.92 -7.36 1.36
C GLU D 226 -38.26 -6.02 1.70
N ARG D 227 -38.90 -5.29 2.60
CA ARG D 227 -38.32 -4.07 3.17
C ARG D 227 -37.28 -4.46 4.24
N THR D 228 -37.72 -5.21 5.25
CA THR D 228 -36.84 -5.64 6.35
C THR D 228 -35.66 -6.50 5.85
N VAL D 229 -35.85 -7.16 4.71
CA VAL D 229 -34.81 -7.97 4.09
C VAL D 229 -33.81 -7.14 3.26
N LYS D 230 -34.32 -6.19 2.47
CA LYS D 230 -33.45 -5.30 1.67
C LYS D 230 -32.49 -4.51 2.57
N PHE D 231 -32.89 -4.32 3.83
CA PHE D 231 -32.02 -3.66 4.82
C PHE D 231 -30.90 -4.58 5.31
N HIS D 232 -31.22 -5.83 5.64
CA HIS D 232 -30.22 -6.77 6.14
C HIS D 232 -29.06 -7.11 5.19
N VAL D 233 -29.37 -7.29 3.91
CA VAL D 233 -28.34 -7.65 2.93
C VAL D 233 -27.26 -6.59 2.79
N ALA D 234 -27.66 -5.32 2.77
CA ALA D 234 -26.70 -4.24 2.63
C ALA D 234 -25.75 -4.25 3.83
N ASN D 235 -26.32 -4.46 5.01
CA ASN D 235 -25.52 -4.50 6.23
C ASN D 235 -24.53 -5.65 6.18
N VAL D 236 -25.00 -6.80 5.69
CA VAL D 236 -24.12 -7.97 5.61
C VAL D 236 -22.96 -7.67 4.66
N ILE D 237 -23.28 -7.00 3.55
CA ILE D 237 -22.25 -6.66 2.58
C ILE D 237 -21.10 -5.84 3.14
N ARG D 238 -21.43 -4.74 3.81
CA ARG D 238 -20.42 -3.88 4.39
C ARG D 238 -19.62 -4.65 5.43
N LYS D 239 -20.34 -5.46 6.21
CA LYS D 239 -19.73 -6.28 7.25
C LYS D 239 -18.63 -7.11 6.59
N LEU D 240 -18.93 -7.66 5.40
CA LEU D 240 -17.95 -8.49 4.69
C LEU D 240 -17.03 -7.74 3.73
N ASN D 241 -17.19 -6.42 3.63
CA ASN D 241 -16.37 -5.60 2.73
C ASN D 241 -16.58 -5.94 1.26
N ALA D 242 -17.85 -6.11 0.86
CA ALA D 242 -18.17 -6.43 -0.53
C ALA D 242 -18.74 -5.26 -1.32
N ASN D 243 -18.47 -5.27 -2.62
CA ASN D 243 -18.89 -4.20 -3.53
C ASN D 243 -20.38 -4.30 -3.75
N ASN D 244 -20.80 -5.47 -4.25
CA ASN D 244 -22.20 -5.73 -4.56
C ASN D 244 -22.80 -6.93 -3.81
N ARG D 245 -23.93 -7.43 -4.30
CA ARG D 245 -24.64 -8.50 -3.63
C ARG D 245 -24.12 -9.84 -4.12
N THR D 246 -23.34 -9.82 -5.20
CA THR D 246 -22.87 -11.06 -5.82
C THR D 246 -21.34 -11.15 -5.74
N HIS D 247 -20.81 -10.52 -4.70
CA HIS D 247 -19.38 -10.44 -4.44
C HIS D 247 -19.29 -10.53 -2.93
N ALA D 248 -20.40 -10.19 -2.24
CA ALA D 248 -20.55 -10.51 -0.83
C ALA D 248 -20.84 -11.99 -0.73
N ILE D 249 -21.62 -12.51 -1.68
CA ILE D 249 -21.92 -13.94 -1.77
C ILE D 249 -20.64 -14.77 -1.83
N VAL D 250 -19.68 -14.31 -2.64
CA VAL D 250 -18.42 -15.01 -2.82
C VAL D 250 -17.43 -14.85 -1.65
N LEU D 251 -17.16 -13.61 -1.24
CA LEU D 251 -16.25 -13.39 -0.11
C LEU D 251 -16.66 -14.27 1.07
N GLY D 252 -17.97 -14.36 1.33
CA GLY D 252 -18.47 -15.01 2.53
C GLY D 252 -18.87 -16.46 2.46
N MET D 253 -18.55 -17.16 1.37
CA MET D 253 -18.93 -18.58 1.25
C MET D 253 -18.42 -19.48 2.37
N HIS D 254 -17.24 -19.17 2.87
CA HIS D 254 -16.60 -19.90 3.96
C HIS D 254 -17.42 -19.87 5.27
N LEU D 255 -18.55 -19.14 5.29
CA LEU D 255 -19.37 -18.93 6.50
C LEU D 255 -20.41 -20.02 6.69
#